data_1P3X
#
_entry.id   1P3X
#
_cell.length_a   1.000
_cell.length_b   1.000
_cell.length_c   1.000
_cell.angle_alpha   90.00
_cell.angle_beta   90.00
_cell.angle_gamma   90.00
#
_symmetry.space_group_name_H-M   'P 1'
#
loop_
_entity.id
_entity.type
_entity.pdbx_description
1 polymer "DNA (5'-D(*AP*GP*AP*GP*AP*GP*AP*A)-3')"
2 polymer "DNA (5'-D(*TP*TP*CP*TP*CP*TP*CP*T)-3')"
3 polymer "DNA (5'-D(*(PDU)P*CP*(PDU)P*(DCM)P*(PDU)P*CP*(PDU)P*(PDU))-3')"
#
loop_
_entity_poly.entity_id
_entity_poly.type
_entity_poly.pdbx_seq_one_letter_code
_entity_poly.pdbx_strand_id
1 'polydeoxyribonucleotide' (DA)(DG)(DA)(DG)(DA)(DG)(DA)(DA) A
2 'polydeoxyribonucleotide' (DT)(DT)(DC)(DT)(DC)(DT)(DC)(DT) B
3 'polydeoxyribonucleotide' (PDU)(DC)(PDU)(DCM)(PDU)(DC)(PDU)(PDU) C
#
loop_
_chem_comp.id
_chem_comp.type
_chem_comp.name
_chem_comp.formula
DA DNA linking 2'-DEOXYADENOSINE-5'-MONOPHOSPHATE 'C10 H14 N5 O6 P'
DC DNA linking 2'-DEOXYCYTIDINE-5'-MONOPHOSPHATE 'C9 H14 N3 O7 P'
DCM non-polymer 2'-DEOXYCYTIDINE-5'-MONOPHOSPHATE 'C9 H14 N3 O7 P'
DG DNA linking 2'-DEOXYGUANOSINE-5'-MONOPHOSPHATE 'C10 H14 N5 O7 P'
DT DNA linking THYMIDINE-5'-MONOPHOSPHATE 'C10 H15 N2 O8 P'
PDU DNA linking 5(1-PROPYNYL)-2'-DEOXYURIDINE-5-MONOPHOSPHATE 'C12 H15 N2 O8 P'
#
# COMPACT_ATOMS: atom_id res chain seq x y z
O5' PDU C 1 6.44 13.59 6.96
C5' PDU C 1 5.38 14.28 6.27
C4' PDU C 1 4.18 13.29 6.01
O4' PDU C 1 3.21 14.08 5.19
C3' PDU C 1 4.71 12.18 5.05
O3' PDU C 1 4.55 10.85 5.50
C2' PDU C 1 3.79 12.32 3.80
C1' PDU C 1 2.54 13.25 4.21
N1 PDU C 1 2.05 13.70 2.87
C2 PDU C 1 0.81 13.17 2.47
O2 PDU C 1 0.12 12.47 3.20
N3 PDU C 1 0.38 13.48 1.21
C4 PDU C 1 1.04 14.25 0.28
O4 PDU C 1 0.55 14.44 -0.83
C5 PDU C 1 2.31 14.77 0.75
C5A PDU C 1 3.13 15.56 -0.13
C5B PDU C 1 3.79 16.20 -0.88
C5M PDU C 1 4.62 16.97 -1.81
C6 PDU C 1 2.77 14.50 2.00
H5' PDU C 1 5.75 14.57 5.28
H5'' PDU C 1 5.20 15.23 6.79
H4' PDU C 1 3.91 12.66 6.93
H3' PDU C 1 5.80 12.40 4.98
H2'' PDU C 1 3.52 11.38 3.26
H2' PDU C 1 4.47 12.80 3.09
H1' PDU C 1 1.55 13.00 4.64
H3 PDU C 1 -0.51 13.09 0.93
H71 PDU C 1 4.10 17.06 -2.78
H72 PDU C 1 5.57 16.47 -1.96
H73 PDU C 1 4.79 17.98 -1.40
H6 PDU C 1 3.70 14.99 2.30
P PDU C 3 0.82 6.51 9.63
OP2 PDU C 3 2.19 5.96 9.64
OP1 PDU C 3 0.13 6.73 10.92
O5' PDU C 3 -0.13 5.47 8.77
C5' PDU C 3 -0.51 5.82 7.43
C4' PDU C 3 -1.57 5.04 6.65
O4' PDU C 3 -1.79 5.78 5.41
C3' PDU C 3 -1.18 3.63 6.29
O3' PDU C 3 -2.29 2.73 6.39
C2' PDU C 3 -0.79 3.84 4.88
C1' PDU C 3 -1.69 4.90 4.27
N1 PDU C 3 -0.94 5.45 3.09
C2 PDU C 3 -1.49 5.39 1.79
O2 PDU C 3 -2.60 4.93 1.56
N3 PDU C 3 -0.70 5.93 0.76
C4 PDU C 3 0.56 6.48 0.92
O4 PDU C 3 1.19 6.92 -0.03
C5 PDU C 3 1.03 6.49 2.30
C5A PDU C 3 2.33 7.04 2.55
C5B PDU C 3 3.40 7.54 2.70
C5M PDU C 3 4.68 8.20 2.83
C6 PDU C 3 0.29 5.99 3.31
H5' PDU C 3 0.37 5.78 6.79
H5'' PDU C 3 -1.00 6.78 7.55
H4' PDU C 3 -2.52 4.99 7.17
H3' PDU C 3 -0.27 3.38 6.88
H2'' PDU C 3 -0.89 3.02 4.22
H2' PDU C 3 0.26 4.06 4.96
H1' PDU C 3 -2.70 4.55 4.04
H3 PDU C 3 -1.03 5.93 -0.21
H71 PDU C 3 4.56 9.10 3.44
H72 PDU C 3 5.03 8.50 1.84
H73 PDU C 3 5.41 7.53 3.29
H6 PDU C 3 0.67 5.98 4.34
N1 DCM C 4 -3.36 0.88 1.93
C2 DCM C 4 -3.61 0.96 0.55
N3 DCM C 4 -2.54 1.37 -0.25
C4 DCM C 4 -1.31 1.68 0.28
C5 DCM C 4 -1.10 1.57 1.70
C6 DCM C 4 -2.15 1.16 2.49
O2 DCM C 4 -4.70 0.67 0.07
N4 DCM C 4 -0.35 2.11 -0.53
C1' DCM C 4 -4.49 0.54 2.85
C2' DCM C 4 -4.38 -0.77 3.69
C3' DCM C 4 -5.29 -0.82 4.88
C4' DCM C 4 -5.26 0.67 5.05
O4' DCM C 4 -4.55 1.37 4.02
O3' DCM C 4 -6.34 -1.60 4.23
C5' DCM C 4 -4.99 1.15 6.51
O5' DCM C 4 -3.68 0.69 6.93
P DCM C 4 -2.47 1.60 7.52
O1P DCM C 4 -1.23 0.78 7.53
O2P DCM C 4 -2.93 2.24 8.76
H5 DCM C 4 -0.08 1.82 1.99
H3 DCM C 4 -2.64 1.44 -1.26
H6 DCM C 4 -2.18 0.98 3.59
HN41 DCM C 4 -0.53 2.17 -1.54
HN42 DCM C 4 0.55 2.35 -0.09
H1' DCM C 4 -5.46 0.95 2.50
H2'1 DCM C 4 -3.52 -1.46 3.63
H2'2 DCM C 4 -5.33 -1.13 3.33
H3' DCM C 4 -4.79 -1.35 5.70
H4' DCM C 4 -6.22 0.69 4.55
H5'1 DCM C 4 -5.06 2.24 6.59
H5'2 DCM C 4 -5.73 0.78 7.24
P PDU C 5 -7.73 -1.18 3.52
OP2 PDU C 5 -8.80 -1.99 4.13
OP1 PDU C 5 -7.86 0.29 3.43
O5' PDU C 5 -7.45 -1.75 2.00
C5' PDU C 5 -6.43 -1.27 1.09
C4' PDU C 5 -6.34 -2.04 -0.22
O4' PDU C 5 -5.20 -1.61 -1.02
C3' PDU C 5 -6.11 -3.54 0.02
O3' PDU C 5 -6.71 -4.31 -1.00
C2' PDU C 5 -4.60 -3.60 0.04
C1' PDU C 5 -4.18 -2.63 -1.06
N1 PDU C 5 -2.81 -2.02 -0.93
C2 PDU C 5 -2.11 -1.72 -2.10
O2 PDU C 5 -2.58 -1.96 -3.21
N3 PDU C 5 -0.86 -1.12 -1.94
C4 PDU C 5 -0.26 -0.83 -0.73
O4 PDU C 5 0.86 -0.29 -0.71
C5 PDU C 5 -1.04 -1.19 0.42
C5A PDU C 5 -0.50 -0.96 1.73
C5B PDU C 5 -0.06 -0.74 2.82
C5M PDU C 5 0.48 -0.45 4.15
C6 PDU C 5 -2.26 -1.75 0.30
H5' PDU C 5 -5.43 -1.38 1.50
H5'' PDU C 5 -6.60 -0.22 0.88
H4' PDU C 5 -7.26 -1.89 -0.78
H3' PDU C 5 -6.55 -3.84 0.98
H2'' PDU C 5 -4.20 -4.59 -0.08
H2' PDU C 5 -4.36 -3.22 1.03
H1' PDU C 5 -4.25 -3.18 -2.00
H3 PDU C 5 -0.31 -0.87 -2.76
H71 PDU C 5 0.59 -1.38 4.71
H72 PDU C 5 -0.20 0.21 4.68
H73 PDU C 5 1.46 0.02 4.04
H6 PDU C 5 -2.77 -1.98 1.23
P PDU C 7 -3.82 -8.39 -6.98
OP2 PDU C 7 -4.26 -9.40 -5.99
OP1 PDU C 7 -4.30 -8.45 -8.38
O5' PDU C 7 -2.21 -8.37 -7.01
C5' PDU C 7 -1.54 -7.89 -8.17
C4' PDU C 7 -0.03 -7.98 -8.01
O4' PDU C 7 0.46 -7.13 -6.96
C3' PDU C 7 0.40 -9.42 -7.68
O3' PDU C 7 1.64 -9.74 -8.30
C2' PDU C 7 0.62 -9.33 -6.19
C1' PDU C 7 1.19 -7.93 -6.02
N1 PDU C 7 1.29 -7.41 -4.63
C2 PDU C 7 2.40 -6.63 -4.37
O2 PDU C 7 3.24 -6.38 -5.22
N3 PDU C 7 2.51 -6.16 -3.07
C4 PDU C 7 1.61 -6.39 -2.04
O4 PDU C 7 1.82 -5.93 -0.92
C5 PDU C 7 0.48 -7.21 -2.42
C5A PDU C 7 -0.52 -7.52 -1.45
C5B PDU C 7 -1.36 -7.77 -0.64
C5M PDU C 7 -2.39 -8.08 0.34
C6 PDU C 7 0.36 -7.68 -3.68
H5' PDU C 7 -1.82 -6.87 -8.39
H5'' PDU C 7 -1.84 -8.53 -9.01
H4' PDU C 7 0.45 -7.68 -8.94
H3' PDU C 7 -0.34 -10.16 -7.98
H2'' PDU C 7 1.27 -10.10 -5.78
H2' PDU C 7 -0.37 -9.40 -5.76
H1' PDU C 7 2.21 -8.01 -6.40
H3 PDU C 7 3.31 -5.58 -2.86
H71 PDU C 7 -2.09 -7.69 1.31
H72 PDU C 7 -2.53 -9.17 0.41
H73 PDU C 7 -3.33 -7.62 0.03
H6 PDU C 7 -0.51 -8.29 -3.91
P PDU C 8 1.76 -10.13 -9.85
OP2 PDU C 8 1.50 -11.58 -9.99
OP1 PDU C 8 0.98 -9.17 -10.67
O5' PDU C 8 3.32 -9.86 -10.09
C5' PDU C 8 4.32 -10.69 -9.48
C4' PDU C 8 5.42 -9.86 -8.83
O4' PDU C 8 4.92 -9.12 -7.70
C3' PDU C 8 6.56 -10.76 -8.33
O3' PDU C 8 7.80 -10.28 -8.87
C2' PDU C 8 6.52 -10.51 -6.85
C1' PDU C 8 5.97 -9.11 -6.71
N1 PDU C 8 5.53 -8.92 -5.31
C2 PDU C 8 6.40 -8.25 -4.48
O2 PDU C 8 7.48 -7.82 -4.86
N3 PDU C 8 5.97 -8.10 -3.17
C4 PDU C 8 4.78 -8.55 -2.63
O4 PDU C 8 4.53 -8.35 -1.44
C5 PDU C 8 3.93 -9.23 -3.58
C5A PDU C 8 2.67 -9.75 -3.14
C5B PDU C 8 1.63 -10.18 -2.78
C5M PDU C 8 0.35 -10.72 -2.32
C6 PDU C 8 4.32 -9.39 -4.86
H5' PDU C 8 4.77 -11.30 -10.26
H5'' PDU C 8 3.88 -11.34 -8.73
H4' PDU C 8 5.84 -9.17 -9.57
H3' PDU C 8 6.39 -11.80 -8.58
H2 PDU C 8 7.86 -9.35 -8.66
H2'' PDU C 8 7.48 -10.59 -6.36
H2' PDU C 8 5.82 -11.22 -6.42
H1' PDU C 8 6.74 -8.39 -6.98
H3 PDU C 8 6.60 -7.61 -2.55
H71 PDU C 8 0.36 -11.81 -2.39
H72 PDU C 8 -0.46 -10.32 -2.94
H73 PDU C 8 0.19 -10.43 -1.29
H6 PDU C 8 3.65 -9.92 -5.55
O5' PDU C 1 4.72 16.11 7.58
C5' PDU C 1 5.30 15.12 6.73
C4' PDU C 1 4.29 13.85 6.64
O4' PDU C 1 3.25 14.38 5.70
C3' PDU C 1 4.91 12.68 5.86
O3' PDU C 1 4.79 11.49 6.62
C2' PDU C 1 4.05 12.55 4.55
C1' PDU C 1 2.69 13.37 4.82
N1 PDU C 1 2.25 13.72 3.42
C2 PDU C 1 1.05 13.13 3.00
O2 PDU C 1 0.36 12.41 3.73
N3 PDU C 1 0.67 13.35 1.70
C4 PDU C 1 1.33 14.11 0.78
O4 PDU C 1 0.87 14.23 -0.36
C5 PDU C 1 2.55 14.71 1.27
C5A PDU C 1 3.37 15.46 0.38
C5B PDU C 1 4.03 16.09 -0.38
C5M PDU C 1 4.81 16.86 -1.34
C6 PDU C 1 2.96 14.51 2.54
H5' PDU C 1 6.38 15.07 6.97
H5'' PDU C 1 5.39 15.57 5.73
H4' PDU C 1 4.01 13.32 7.66
H3' PDU C 1 5.99 12.95 5.80
H2'' PDU C 1 3.93 11.49 4.21
H2' PDU C 1 4.67 12.97 3.77
H1' PDU C 1 1.66 13.04 5.16
H3 PDU C 1 -0.19 12.90 1.42
H71 PDU C 1 5.79 16.40 -1.47
H72 PDU C 1 4.92 17.89 -0.99
H73 PDU C 1 4.29 16.85 -2.30
H6 PDU C 1 3.86 15.07 2.82
P PDU C 3 1.38 5.79 9.49
OP2 PDU C 3 2.76 5.24 9.57
OP1 PDU C 3 0.45 5.61 10.63
O5' PDU C 3 0.67 5.25 8.14
C5' PDU C 3 -0.74 5.49 7.96
C4' PDU C 3 -1.34 5.12 6.57
O4' PDU C 3 -1.48 5.99 5.42
C3' PDU C 3 -1.03 3.73 6.05
O3' PDU C 3 -2.14 2.83 5.96
C2' PDU C 3 -0.63 4.05 4.67
C1' PDU C 3 -1.45 5.22 4.18
N1 PDU C 3 -0.66 5.76 3.08
C2 PDU C 3 -1.22 5.72 1.79
O2 PDU C 3 -2.34 5.29 1.57
N3 PDU C 3 -0.42 6.22 0.77
C4 PDU C 3 0.84 6.74 0.94
O4 PDU C 3 1.48 7.17 -0.03
C5 PDU C 3 1.33 6.74 2.30
C5A PDU C 3 2.65 7.23 2.52
C5B PDU C 3 3.73 7.70 2.64
C5M PDU C 3 5.05 8.32 2.76
C6 PDU C 3 0.59 6.25 3.32
H5' PDU C 3 -0.97 6.53 8.20
H5'' PDU C 3 -1.21 4.86 8.70
H4' PDU C 3 -2.37 5.03 6.85
H3' PDU C 3 -0.15 3.37 6.60
H2'' PDU C 3 -0.75 3.31 3.93
H2' PDU C 3 0.41 4.27 4.82
H1' PDU C 3 -2.46 4.94 3.79
H3 PDU C 3 -0.80 6.21 -0.17
H71 PDU C 3 5.44 8.51 1.76
H72 PDU C 3 5.71 7.66 3.33
H73 PDU C 3 4.93 9.28 3.28
H6 PDU C 3 0.92 6.21 4.38
N1 DCM C 4 -3.27 1.35 1.50
C2 DCM C 4 -3.46 1.49 0.11
N3 DCM C 4 -2.35 1.86 -0.65
C4 DCM C 4 -1.13 2.09 -0.09
C5 DCM C 4 -0.96 1.92 1.33
C6 DCM C 4 -2.05 1.55 2.08
O2 DCM C 4 -4.54 1.27 -0.43
N4 DCM C 4 -0.16 2.49 -0.91
C1' DCM C 4 -4.44 1.05 2.40
C2' DCM C 4 -4.51 -0.25 3.25
C3' DCM C 4 -5.46 -0.20 4.39
C4' DCM C 4 -5.29 1.26 4.55
O4' DCM C 4 -4.46 1.87 3.55
O3' DCM C 4 -6.56 -0.95 3.78
C5' DCM C 4 -5.01 1.66 6.03
O5' DCM C 4 -3.78 1.02 6.43
P DCM C 4 -2.49 1.73 7.08
O1P DCM C 4 -1.39 0.74 7.12
O2P DCM C 4 -2.91 2.43 8.31
H5 DCM C 4 0.04 2.09 1.73
H3 DCM C 4 -2.46 1.97 -1.66
H6 DCM C 4 -2.10 1.35 3.16
HN41 DCM C 4 -0.37 2.58 -1.92
HN42 DCM C 4 0.76 2.70 -0.51
H1' DCM C 4 -5.34 1.54 1.97
H2'1 DCM C 4 -3.68 -0.91 3.50
H2'2 DCM C 4 -5.46 -0.56 2.87
H3' DCM C 4 -5.03 -0.73 5.24
H4' DCM C 4 -6.26 1.29 4.06
H5'1 DCM C 4 -4.93 2.74 6.12
H5'2 DCM C 4 -5.79 1.34 6.72
P PDU C 5 -7.96 -0.52 3.08
OP2 PDU C 5 -9.06 -1.22 3.79
OP1 PDU C 5 -8.00 0.94 2.91
O5' PDU C 5 -7.73 -1.23 1.60
C5' PDU C 5 -6.59 -0.97 0.74
C4' PDU C 5 -6.47 -1.79 -0.55
O4' PDU C 5 -5.22 -1.50 -1.23
C3' PDU C 5 -6.43 -3.27 -0.26
O3' PDU C 5 -6.91 -3.97 -1.40
C2' PDU C 5 -4.93 -3.49 -0.05
C1' PDU C 5 -4.29 -2.60 -1.13
N1 PDU C 5 -2.92 -2.03 -0.89
C2 PDU C 5 -2.12 -1.79 -2.01
O2 PDU C 5 -2.50 -2.07 -3.14
N3 PDU C 5 -0.87 -1.23 -1.78
C4 PDU C 5 -0.35 -0.89 -0.55
O4 PDU C 5 0.78 -0.39 -0.47
C5 PDU C 5 -1.23 -1.18 0.56
C5A PDU C 5 -0.82 -0.89 1.91
C5B PDU C 5 -0.49 -0.65 3.02
C5M PDU C 5 -0.09 -0.37 4.40
C6 PDU C 5 -2.45 -1.72 0.37
H5' PDU C 5 -5.67 -1.28 1.20
H5'' PDU C 5 -6.53 0.08 0.45
H4' PDU C 5 -7.30 -1.56 -1.23
H3' PDU C 5 -7.05 -3.48 0.61
H2'' PDU C 5 -4.63 -4.54 -0.15
H2' PDU C 5 -4.71 -3.17 0.96
H1' PDU C 5 -4.29 -3.15 -2.06
H3 PDU C 5 -0.27 -1.03 -2.57
H71 PDU C 5 -0.62 0.50 4.77
H72 PDU C 5 0.98 -0.21 4.43
H73 PDU C 5 -0.33 -1.24 5.02
H6 PDU C 5 -3.07 -1.91 1.24
P PDU C 7 -4.30 -7.66 -7.59
OP2 PDU C 7 -4.57 -9.04 -7.15
OP1 PDU C 7 -4.95 -7.11 -8.80
O5' PDU C 7 -2.70 -7.49 -7.75
C5' PDU C 7 -1.85 -8.61 -7.55
C4' PDU C 7 -0.40 -8.26 -7.84
O4' PDU C 7 0.12 -7.24 -6.94
C3' PDU C 7 0.47 -9.50 -7.69
O3' PDU C 7 1.45 -9.55 -8.73
C2' PDU C 7 1.05 -9.27 -6.32
C1' PDU C 7 1.27 -7.76 -6.25
N1 PDU C 7 1.32 -7.27 -4.85
C2 PDU C 7 2.43 -6.55 -4.45
O2 PDU C 7 3.36 -6.30 -5.22
N3 PDU C 7 2.44 -6.12 -3.13
C4 PDU C 7 1.46 -6.34 -2.18
O4 PDU C 7 1.60 -5.89 -1.05
C5 PDU C 7 0.33 -7.09 -2.69
C5A PDU C 7 -0.77 -7.39 -1.82
C5B PDU C 7 -1.69 -7.65 -1.10
C5M PDU C 7 -2.82 -7.95 -0.21
C6 PDU C 7 0.30 -7.52 -3.97
H5' PDU C 7 -2.16 -9.41 -8.22
H5'' PDU C 7 -1.94 -8.95 -6.52
H4' PDU C 7 -0.31 -7.90 -8.86
H3' PDU C 7 -0.14 -10.40 -7.77
H2'' PDU C 7 1.96 -9.84 -6.13
H2' PDU C 7 0.28 -9.56 -5.60
H1' PDU C 7 2.18 -7.52 -6.78
H3 PDU C 7 3.24 -5.59 -2.80
H71 PDU C 7 -3.74 -7.58 -0.66
H72 PDU C 7 -2.66 -7.48 0.75
H73 PDU C 7 -2.90 -9.03 -0.08
H6 PDU C 7 -0.57 -8.09 -4.31
P PDU C 8 2.32 -10.89 -8.95
OP2 PDU C 8 1.91 -11.88 -7.93
OP1 PDU C 8 2.27 -11.24 -10.39
O5' PDU C 8 3.80 -10.37 -8.60
C5' PDU C 8 4.42 -9.37 -9.42
C4' PDU C 8 5.70 -8.83 -8.78
O4' PDU C 8 5.36 -8.30 -7.49
C3' PDU C 8 6.70 -9.97 -8.58
O3' PDU C 8 7.98 -9.46 -8.97
C2' PDU C 8 6.68 -10.16 -7.08
C1' PDU C 8 6.31 -8.79 -6.56
N1 PDU C 8 5.80 -8.76 -5.17
C2 PDU C 8 6.61 -8.19 -4.21
O2 PDU C 8 7.72 -7.73 -4.47
N3 PDU C 8 6.08 -8.17 -2.93
C4 PDU C 8 4.86 -8.65 -2.53
O4 PDU C 8 4.50 -8.56 -1.35
C5 PDU C 8 4.08 -9.22 -3.59
C5A PDU C 8 2.78 -9.75 -3.27
C5B PDU C 8 1.71 -10.18 -2.98
C5M PDU C 8 0.40 -10.70 -2.57
C6 PDU C 8 4.57 -9.27 -4.86
H5' PDU C 8 3.74 -8.53 -9.55
H5'' PDU C 8 4.67 -9.79 -10.40
H4' PDU C 8 6.12 -8.05 -9.40
H3' PDU C 8 6.46 -10.86 -9.16
H2 PDU C 8 8.65 -10.12 -8.75
H2'' PDU C 8 7.61 -10.51 -6.63
H2' PDU C 8 5.87 -10.84 -6.86
H1' PDU C 8 7.22 -8.17 -6.62
H3 PDU C 8 6.65 -7.76 -2.22
H71 PDU C 8 0.25 -10.53 -1.51
H72 PDU C 8 0.35 -11.77 -2.77
H73 PDU C 8 -0.39 -10.19 -3.14
H6 PDU C 8 3.98 -9.72 -5.66
O5' PDU C 1 5.44 16.29 6.42
C5' PDU C 1 4.29 16.26 5.58
C4' PDU C 1 3.48 14.88 5.72
O4' PDU C 1 2.30 15.14 4.87
C3' PDU C 1 4.24 13.72 5.05
O3' PDU C 1 4.43 12.54 5.85
C2' PDU C 1 3.30 13.35 3.84
C1' PDU C 1 1.85 13.97 4.13
N1 PDU C 1 1.14 14.09 2.81
C2 PDU C 1 -0.03 13.33 2.65
O2 PDU C 1 -0.53 12.64 3.55
N3 PDU C 1 -0.65 13.37 1.42
C4 PDU C 1 -0.22 14.07 0.33
O4 PDU C 1 -0.86 14.02 -0.72
C5 PDU C 1 0.98 14.83 0.56
C5A PDU C 1 1.54 15.57 -0.55
C5B PDU C 1 2.00 16.18 -1.45
C5M PDU C 1 2.54 16.95 -2.58
C6 PDU C 1 1.62 14.84 1.75
H5' PDU C 1 4.61 16.46 4.54
H5'' PDU C 1 3.74 17.22 5.76
H4' PDU C 1 3.51 14.36 6.77
H3' PDU C 1 5.25 14.15 4.84
H2'' PDU C 1 3.31 12.27 3.54
H2' PDU C 1 3.80 13.81 3.00
H1' PDU C 1 0.95 13.53 4.63
H3 PDU C 1 -1.49 12.81 1.32
H71 PDU C 1 3.54 16.57 -2.82
H72 PDU C 1 2.59 18.00 -2.31
H73 PDU C 1 1.89 16.82 -3.45
H6 PDU C 1 2.49 15.49 1.84
P PDU C 3 0.83 6.90 9.62
OP2 PDU C 3 1.99 5.98 9.56
OP1 PDU C 3 0.09 7.06 10.90
O5' PDU C 3 -0.22 6.47 8.49
C5' PDU C 3 0.07 5.36 7.66
C4' PDU C 3 -1.06 5.03 6.69
O4' PDU C 3 -1.35 6.04 5.69
C3' PDU C 3 -0.67 3.75 6.01
O3' PDU C 3 -1.74 2.81 5.82
C2' PDU C 3 -0.33 4.30 4.69
C1' PDU C 3 -1.23 5.43 4.40
N1 PDU C 3 -0.52 6.00 3.23
C2 PDU C 3 -1.07 5.87 1.95
O2 PDU C 3 -2.14 5.31 1.74
N3 PDU C 3 -0.33 6.42 0.92
C4 PDU C 3 0.89 7.07 1.07
O4 PDU C 3 1.48 7.54 0.11
C5 PDU C 3 1.36 7.14 2.43
C5A PDU C 3 2.61 7.79 2.69
C5B PDU C 3 3.64 8.36 2.86
C5M PDU C 3 4.89 9.06 3.07
C6 PDU C 3 0.67 6.61 3.46
H5' PDU C 3 0.23 4.50 8.31
H5'' PDU C 3 0.96 5.50 7.05
H4' PDU C 3 -1.98 4.87 7.23
H3' PDU C 3 0.27 3.37 6.43
H2'' PDU C 3 -0.29 3.75 3.81
H2' PDU C 3 0.67 4.66 4.89
H1' PDU C 3 -2.23 5.07 4.11
H3 PDU C 3 -0.70 6.33 -0.03
H71 PDU C 3 5.59 8.41 3.58
H72 PDU C 3 4.69 9.95 3.66
H73 PDU C 3 5.29 9.35 2.10
H6 PDU C 3 1.01 6.61 4.51
N1 DCM C 4 -2.99 1.83 0.95
C2 DCM C 4 -3.23 1.78 -0.39
N3 DCM C 4 -2.16 2.12 -1.19
C4 DCM C 4 -0.93 2.48 -0.72
C5 DCM C 4 -0.72 2.52 0.68
C6 DCM C 4 -1.76 2.18 1.45
O2 DCM C 4 -4.32 1.44 -0.84
N4 DCM C 4 0.05 2.82 -1.56
C1' DCM C 4 -4.13 1.52 1.83
C2' DCM C 4 -3.89 0.09 2.22
C3' DCM C 4 -4.63 -0.38 3.44
C4' DCM C 4 -4.60 1.03 4.06
O4' DCM C 4 -4.07 2.06 3.18
O3' DCM C 4 -5.81 -0.94 2.83
C5' DCM C 4 -4.50 1.12 5.60
O5' DCM C 4 -3.20 0.76 6.09
P DCM C 4 -2.36 1.84 6.95
O1P DCM C 4 -1.26 1.13 7.63
O2P DCM C 4 -3.33 2.63 7.76
H5 DCM C 4 0.21 2.80 1.17
H3 DCM C 4 -2.35 2.06 -2.18
H6 DCM C 4 -1.57 2.15 2.50
HN41 DCM C 4 -0.13 2.78 -2.57
HN42 DCM C 4 0.93 3.13 -1.14
H1' DCM C 4 -5.09 1.86 1.40
H2'1 DCM C 4 -3.56 0.60 3.06
H2'2 DCM C 4 -2.88 -0.16 2.08
H3' DCM C 4 -4.09 -1.11 4.05
H4' DCM C 4 -5.51 1.13 3.60
H5'1 DCM C 4 -4.66 2.16 5.91
H5'2 DCM C 4 -5.24 0.53 6.14
P PDU C 5 -7.34 -0.44 2.66
OP2 PDU C 5 -8.22 -1.27 3.51
OP1 PDU C 5 -7.43 1.04 2.69
O5' PDU C 5 -7.50 -0.92 1.12
C5' PDU C 5 -6.41 -0.66 0.22
C4' PDU C 5 -6.42 -1.55 -1.00
O4' PDU C 5 -5.21 -1.30 -1.76
C3' PDU C 5 -6.43 -3.04 -0.63
O3' PDU C 5 -7.24 -3.75 -1.59
C2' PDU C 5 -4.93 -3.29 -0.55
C1' PDU C 5 -4.28 -2.40 -1.62
N1 PDU C 5 -2.92 -1.84 -1.31
C2 PDU C 5 -2.11 -1.55 -2.40
O2 PDU C 5 -2.46 -1.77 -3.56
N3 PDU C 5 -0.87 -1.01 -2.11
C4 PDU C 5 -0.37 -0.73 -0.86
O4 PDU C 5 0.76 -0.24 -0.74
C5 PDU C 5 -1.27 -1.06 0.21
C5A PDU C 5 -0.86 -0.83 1.57
C5B PDU C 5 -0.55 -0.63 2.70
C5M PDU C 5 -0.20 -0.38 4.09
C6 PDU C 5 -2.48 -1.60 -0.04
H5' PDU C 5 -5.47 -0.88 0.71
H5'' PDU C 5 -6.40 0.37 -0.12
H4' PDU C 5 -7.30 -1.33 -1.60
H3' PDU C 5 -6.91 -3.14 0.34
H2'' PDU C 5 -4.64 -4.33 -0.67
H2' PDU C 5 -4.70 -2.94 0.46
H1' PDU C 5 -4.19 -2.92 -2.57
H3 PDU C 5 -0.22 -0.77 -2.84
H71 PDU C 5 -0.83 0.42 4.49
H72 PDU C 5 0.85 -0.07 4.15
H73 PDU C 5 -0.34 -1.28 4.68
H6 PDU C 5 -3.11 -1.83 0.81
P PDU C 7 -4.49 -7.23 -7.78
OP2 PDU C 7 -4.90 -8.51 -7.13
OP1 PDU C 7 -5.04 -6.86 -9.10
O5' PDU C 7 -2.88 -7.21 -7.88
C5' PDU C 7 -2.15 -8.41 -7.69
C4' PDU C 7 -0.66 -8.22 -7.94
O4' PDU C 7 -0.05 -7.28 -7.03
C3' PDU C 7 0.04 -9.55 -7.75
O3' PDU C 7 1.15 -9.63 -8.64
C2' PDU C 7 0.47 -9.43 -6.31
C1' PDU C 7 0.91 -7.99 -6.20
N1 PDU C 7 1.01 -7.43 -4.82
C2 PDU C 7 2.22 -6.86 -4.47
O2 PDU C 7 3.17 -6.81 -5.24
N3 PDU C 7 2.29 -6.33 -3.19
C4 PDU C 7 1.28 -6.34 -2.24
O4 PDU C 7 1.46 -5.85 -1.14
C5 PDU C 7 0.04 -6.95 -2.70
C5A PDU C 7 -1.07 -7.00 -1.81
C5B PDU C 7 -2.01 -7.04 -1.06
C5M PDU C 7 -3.14 -7.08 -0.14
C6 PDU C 7 -0.04 -7.46 -3.95
H5' PDU C 7 -2.52 -9.15 -8.38
H5'' PDU C 7 -2.29 -8.75 -6.66
H4' PDU C 7 -0.52 -7.86 -8.96
H3' PDU C 7 -0.63 -10.38 -7.96
H2'' PDU C 7 1.23 -10.15 -6.03
H2' PDU C 7 -0.43 -9.59 -5.70
H1' PDU C 7 1.88 -7.92 -6.68
H3 PDU C 7 3.17 -5.91 -2.92
H71 PDU C 7 -2.88 -6.57 0.78
H72 PDU C 7 -3.40 -8.12 0.07
H73 PDU C 7 -3.99 -6.58 -0.59
H6 PDU C 7 -0.98 -7.92 -4.27
P PDU C 8 1.52 -11.01 -9.37
OP2 PDU C 8 0.63 -12.06 -8.82
OP1 PDU C 8 1.57 -10.77 -10.82
O5' PDU C 8 3.02 -11.28 -8.84
C5' PDU C 8 4.09 -10.55 -9.44
C4' PDU C 8 5.26 -10.34 -8.47
O4' PDU C 8 4.88 -9.57 -7.31
C3' PDU C 8 5.84 -11.66 -7.97
O3' PDU C 8 7.24 -11.70 -8.29
C2' PDU C 8 5.63 -11.56 -6.48
C1' PDU C 8 5.65 -10.08 -6.21
N1 PDU C 8 5.08 -9.73 -4.89
C2 PDU C 8 5.93 -9.10 -4.01
O2 PDU C 8 7.10 -8.84 -4.29
N3 PDU C 8 5.40 -8.78 -2.78
C4 PDU C 8 4.10 -9.01 -2.35
O4 PDU C 8 3.76 -8.67 -1.21
C5 PDU C 8 3.28 -9.67 -3.35
C5A PDU C 8 1.90 -9.98 -3.05
C5B PDU C 8 0.77 -10.23 -2.82
C5M PDU C 8 -0.63 -10.55 -2.52
C6 PDU C 8 3.79 -10.00 -4.56
H5' PDU C 8 3.73 -9.58 -9.77
H5'' PDU C 8 4.46 -11.11 -10.30
H4' PDU C 8 6.06 -9.79 -8.97
H3' PDU C 8 5.32 -12.53 -8.38
H2 PDU C 8 7.62 -10.87 -7.99
H2'' PDU C 8 6.38 -12.09 -5.89
H2' PDU C 8 4.63 -11.95 -6.27
H1' PDU C 8 6.68 -9.73 -6.29
H3 PDU C 8 6.02 -8.32 -2.14
H71 PDU C 8 -0.88 -10.16 -1.53
H72 PDU C 8 -0.77 -11.62 -2.54
H73 PDU C 8 -1.27 -10.08 -3.26
H6 PDU C 8 3.16 -10.51 -5.29
O5' PDU C 1 4.03 16.32 6.77
C5' PDU C 1 4.73 15.18 6.25
C4' PDU C 1 3.68 13.95 6.18
O4' PDU C 1 2.85 14.46 5.04
C3' PDU C 1 4.36 12.68 5.61
O3' PDU C 1 4.17 11.49 6.39
C2' PDU C 1 3.71 12.53 4.19
C1' PDU C 1 2.40 13.43 4.13
N1 PDU C 1 2.01 13.69 2.68
C2 PDU C 1 0.72 13.28 2.27
O2 PDU C 1 -0.10 12.80 3.06
N3 PDU C 1 0.39 13.42 0.94
C4 PDU C 1 1.20 13.92 -0.04
O4 PDU C 1 0.78 13.98 -1.19
C5 PDU C 1 2.51 14.32 0.43
C5A PDU C 1 3.46 14.81 -0.52
C5B PDU C 1 4.24 15.22 -1.32
C5M PDU C 1 5.18 15.70 -2.32
C6 PDU C 1 2.87 14.21 1.73
H5' PDU C 1 5.72 15.16 6.76
H5'' PDU C 1 5.06 15.49 5.24
H4' PDU C 1 3.21 13.58 7.18
H3' PDU C 1 5.44 12.93 5.66
H2'' PDU C 1 3.59 11.47 3.85
H2' PDU C 1 4.50 12.86 3.52
H1' PDU C 1 1.34 13.16 4.37
H3 PDU C 1 -0.53 13.13 0.66
H71 PDU C 1 4.69 15.73 -3.29
H72 PDU C 1 6.02 15.00 -2.38
H73 PDU C 1 5.54 16.69 -2.05
H6 PDU C 1 3.84 14.60 1.99
P PDU C 3 -1.36 7.51 9.83
OP2 PDU C 3 -0.45 6.56 10.50
OP1 PDU C 3 -2.48 8.12 10.58
O5' PDU C 3 -1.95 6.81 8.51
C5' PDU C 3 -1.26 5.71 7.92
C4' PDU C 3 -2.06 5.10 6.78
O4' PDU C 3 -2.23 5.94 5.61
C3' PDU C 3 -1.49 3.76 6.39
O3' PDU C 3 -2.40 2.66 6.35
C2' PDU C 3 -0.98 4.16 5.06
C1' PDU C 3 -1.88 5.17 4.44
N1 PDU C 3 -1.04 5.69 3.33
C2 PDU C 3 -1.52 5.57 2.02
O2 PDU C 3 -2.62 5.08 1.77
N3 PDU C 3 -0.67 6.03 1.00
C4 PDU C 3 0.57 6.58 1.18
O4 PDU C 3 1.25 6.95 0.23
C5 PDU C 3 0.97 6.68 2.58
C5A PDU C 3 2.24 7.22 2.90
C5B PDU C 3 3.30 7.70 3.16
C5M PDU C 3 4.57 8.31 3.48
C6 PDU C 3 0.18 6.24 3.57
H5' PDU C 3 -1.17 4.96 8.70
H5'' PDU C 3 -0.25 5.94 7.59
H4' PDU C 3 -3.04 4.86 7.13
H3' PDU C 3 -0.64 3.57 7.05
H2'' PDU C 3 -0.74 3.44 4.33
H2' PDU C 3 -0.08 4.64 5.38
H1' PDU C 3 -2.76 4.65 4.03
H3 PDU C 3 -0.98 5.95 0.02
H71 PDU C 3 5.17 7.62 4.08
H72 PDU C 3 4.40 9.24 4.02
H73 PDU C 3 5.10 8.53 2.55
H6 PDU C 3 0.54 6.31 4.61
N1 DCM C 4 -3.16 1.23 1.82
C2 DCM C 4 -3.42 1.27 0.45
N3 DCM C 4 -2.35 1.63 -0.36
C4 DCM C 4 -1.10 1.94 0.12
C5 DCM C 4 -0.86 1.87 1.53
C6 DCM C 4 -1.90 1.51 2.32
O2 DCM C 4 -4.50 1.00 -0.03
N4 DCM C 4 -0.16 2.30 -0.75
C1' DCM C 4 -4.29 0.90 2.71
C2' DCM C 4 -4.05 -0.55 3.05
C3' DCM C 4 -4.76 -1.08 4.24
C4' DCM C 4 -4.74 0.31 4.91
O4' DCM C 4 -4.22 1.39 4.08
O3' DCM C 4 -5.95 -1.63 3.64
C5' DCM C 4 -4.52 0.43 6.43
O5' DCM C 4 -3.15 0.32 6.78
P DCM C 4 -2.48 1.58 7.54
O1P DCM C 4 -1.10 1.22 7.94
O2P DCM C 4 -3.43 2.08 8.55
H5 DCM C 4 0.12 2.11 1.95
H3 DCM C 4 -2.52 1.67 -1.35
H6 DCM C 4 -1.66 1.43 3.39
HN41 DCM C 4 -0.40 2.35 -1.74
HN42 DCM C 4 0.78 2.53 -0.37
H1' DCM C 4 -5.27 1.35 2.41
H2'1 DCM C 4 -3.73 -0.08 3.93
H2'2 DCM C 4 -3.04 -0.83 2.94
H3' DCM C 4 -4.24 -1.87 4.79
H4' DCM C 4 -5.67 0.41 4.51
H5'1 DCM C 4 -4.85 1.40 6.79
H5'2 DCM C 4 -5.10 -0.32 6.98
P PDU C 5 -7.47 -1.10 3.46
OP2 PDU C 5 -8.34 -2.01 4.25
OP1 PDU C 5 -7.57 0.37 3.64
O5' PDU C 5 -7.65 -1.44 1.90
C5' PDU C 5 -6.58 -1.08 1.01
C4' PDU C 5 -6.57 -1.82 -0.32
O4' PDU C 5 -5.41 -1.47 -1.10
C3' PDU C 5 -6.48 -3.33 -0.11
O3' PDU C 5 -7.17 -4.01 -1.14
C2' PDU C 5 -4.97 -3.54 -0.10
C1' PDU C 5 -4.43 -2.55 -1.12
N1 PDU C 5 -3.06 -1.98 -0.85
C2 PDU C 5 -2.28 -1.65 -1.95
O2 PDU C 5 -2.66 -1.83 -3.10
N3 PDU C 5 -1.02 -1.09 -1.67
C4 PDU C 5 -0.51 -0.85 -0.42
O4 PDU C 5 0.61 -0.35 -0.29
C5 PDU C 5 -1.38 -1.22 0.65
C5A PDU C 5 -0.93 -1.02 2.01
C5B PDU C 5 -0.57 -0.86 3.14
C5M PDU C 5 -0.17 -0.63 4.53
C6 PDU C 5 -2.61 -1.76 0.42
H5' PDU C 5 -5.64 -1.32 1.49
H5'' PDU C 5 -6.64 0.00 0.85
H4' PDU C 5 -7.47 -1.60 -0.88
H3' PDU C 5 -6.93 -3.59 0.85
H2'' PDU C 5 -4.66 -4.56 -0.30
H2' PDU C 5 -4.71 -3.29 0.92
H1' PDU C 5 -4.44 -3.02 -2.10
H3 PDU C 5 -0.40 -0.83 -2.42
H71 PDU C 5 0.83 -0.20 4.56
H72 PDU C 5 -0.17 -1.58 5.07
H73 PDU C 5 -0.88 0.04 5.01
H6 PDU C 5 -3.23 -2.02 1.26
P PDU C 7 -4.04 -8.84 -6.36
OP2 PDU C 7 -4.05 -9.71 -5.16
OP1 PDU C 7 -4.60 -9.34 -7.64
O5' PDU C 7 -2.54 -8.35 -6.62
C5' PDU C 7 -2.26 -7.67 -7.84
C4' PDU C 7 -0.77 -7.49 -8.05
O4' PDU C 7 -0.16 -6.70 -7.01
C3' PDU C 7 -0.07 -8.84 -8.10
O3' PDU C 7 0.88 -8.84 -9.17
C2' PDU C 7 0.58 -8.88 -6.71
C1' PDU C 7 0.94 -7.43 -6.44
N1 PDU C 7 1.12 -7.07 -5.01
C2 PDU C 7 2.29 -6.44 -4.67
O2 PDU C 7 3.19 -6.20 -5.48
N3 PDU C 7 2.43 -6.10 -3.33
C4 PDU C 7 1.50 -6.31 -2.33
O4 PDU C 7 1.74 -5.96 -1.18
C5 PDU C 7 0.29 -6.98 -2.79
C5A PDU C 7 -0.76 -7.28 -1.86
C5B PDU C 7 -1.65 -7.51 -1.09
C5M PDU C 7 -2.74 -7.81 -0.16
C6 PDU C 7 0.15 -7.33 -4.09
H5' PDU C 7 -2.75 -6.71 -7.84
H5'' PDU C 7 -2.65 -8.26 -8.68
H4' PDU C 7 -0.59 -7.00 -9.00
H3' PDU C 7 -0.78 -9.64 -8.25
H2'' PDU C 7 1.41 -9.56 -6.64
H2' PDU C 7 -0.22 -9.18 -6.03
H1' PDU C 7 1.85 -7.21 -6.99
H3 PDU C 7 3.28 -5.63 -3.05
H71 PDU C 7 -2.49 -7.41 0.83
H72 PDU C 7 -2.89 -8.88 -0.10
H73 PDU C 7 -3.65 -7.34 -0.52
H6 PDU C 7 -0.76 -7.83 -4.41
P PDU C 8 1.50 -10.19 -9.79
OP2 PDU C 8 1.60 -11.20 -8.71
OP1 PDU C 8 0.80 -10.52 -11.05
O5' PDU C 8 2.97 -9.67 -10.13
C5' PDU C 8 3.53 -8.89 -9.08
C4' PDU C 8 5.03 -8.91 -9.00
O4' PDU C 8 5.22 -8.26 -7.74
C3' PDU C 8 5.54 -10.38 -8.91
O3' PDU C 8 6.85 -10.43 -9.49
C2' PDU C 8 5.71 -10.54 -7.42
C1' PDU C 8 6.00 -9.13 -6.93
N1 PDU C 8 5.62 -8.94 -5.53
C2 PDU C 8 6.56 -8.35 -4.72
O2 PDU C 8 7.66 -8.00 -5.13
N3 PDU C 8 6.20 -8.17 -3.40
C4 PDU C 8 4.99 -8.51 -2.82
O4 PDU C 8 4.79 -8.29 -1.63
C5 PDU C 8 4.07 -9.14 -3.73
C5A PDU C 8 2.78 -9.57 -3.24
C5B PDU C 8 1.72 -9.92 -2.81
C5M PDU C 8 0.43 -10.34 -2.27
C6 PDU C 8 4.39 -9.33 -5.03
H5' PDU C 8 3.13 -9.27 -8.15
H5'' PDU C 8 3.18 -7.86 -9.21
H4' PDU C 8 5.50 -8.37 -9.83
H3' PDU C 8 4.86 -11.07 -9.39
H2 PDU C 8 7.20 -11.30 -9.31
H2'' PDU C 8 6.50 -11.23 -7.12
H2' PDU C 8 4.75 -10.90 -7.05
H1' PDU C 8 7.06 -8.91 -7.09
H3 PDU C 8 6.89 -7.73 -2.82
H71 PDU C 8 0.37 -10.05 -1.21
H72 PDU C 8 0.33 -11.42 -2.34
H73 PDU C 8 -0.37 -9.86 -2.82
H6 PDU C 8 3.65 -9.79 -5.67
O5' PDU C 1 5.23 14.99 7.53
C5' PDU C 1 5.59 13.92 6.66
C4' PDU C 1 4.38 12.90 6.43
O4' PDU C 1 3.45 13.77 5.64
C3' PDU C 1 4.88 11.87 5.38
O3' PDU C 1 4.57 10.53 5.72
C2' PDU C 1 4.07 12.18 4.09
C1' PDU C 1 2.81 13.07 4.51
N1 PDU C 1 2.36 13.65 3.18
C2 PDU C 1 1.11 13.19 2.74
O2 PDU C 1 0.38 12.47 3.41
N3 PDU C 1 0.70 13.61 1.48
C4 PDU C 1 1.41 14.42 0.62
O4 PDU C 1 0.93 14.69 -0.47
C5 PDU C 1 2.69 14.85 1.15
C5A PDU C 1 3.54 15.64 0.33
C5B PDU C 1 4.24 16.31 -0.37
C5M PDU C 1 5.07 17.13 -1.25
C6 PDU C 1 3.11 14.48 2.38
H5' PDU C 1 6.61 13.56 6.92
H5'' PDU C 1 5.80 14.41 5.69
H4' PDU C 1 4.01 12.26 7.34
H3' PDU C 1 5.98 12.00 5.36
H2'' PDU C 1 3.86 11.32 3.41
H2' PDU C 1 4.79 12.74 3.51
H1' PDU C 1 1.81 12.74 4.83
H3 PDU C 1 -0.20 13.29 1.16
H71 PDU C 1 4.54 17.30 -2.18
H72 PDU C 1 6.01 16.60 -1.47
H73 PDU C 1 5.29 18.09 -0.77
H6 PDU C 1 4.06 14.90 2.71
P PDU C 3 -0.05 6.85 9.39
OP2 PDU C 3 0.13 5.79 10.41
OP1 PDU C 3 0.01 8.27 9.78
O5' PDU C 3 -1.47 6.57 8.63
C5' PDU C 3 -1.59 6.99 7.26
C4' PDU C 3 -2.22 5.91 6.30
O4' PDU C 3 -2.32 6.22 4.88
C3' PDU C 3 -1.85 4.42 6.37
O3' PDU C 3 -2.98 3.59 6.73
C2' PDU C 3 -1.38 4.16 4.99
C1' PDU C 3 -2.21 5.01 4.05
N1 PDU C 3 -1.37 5.34 2.86
C2 PDU C 3 -1.85 5.13 1.56
O2 PDU C 3 -2.95 4.65 1.34
N3 PDU C 3 -0.98 5.50 0.53
C4 PDU C 3 0.29 6.06 0.69
O4 PDU C 3 0.98 6.35 -0.27
C5 PDU C 3 0.68 6.24 2.06
C5A PDU C 3 1.98 6.79 2.33
C5B PDU C 3 3.06 7.28 2.50
C5M PDU C 3 4.38 7.91 2.66
C6 PDU C 3 -0.13 5.88 3.08
H5' PDU C 3 -0.56 7.28 7.08
H5'' PDU C 3 -2.20 7.90 7.21
H4' PDU C 3 -3.24 5.89 6.63
H3' PDU C 3 -0.98 4.29 7.01
H2'' PDU C 3 -1.55 3.14 4.66
H2' PDU C 3 -0.32 4.27 5.02
H1' PDU C 3 -3.19 4.58 3.80
H3 PDU C 3 -1.29 5.37 -0.43
H71 PDU C 3 4.81 8.06 1.68
H72 PDU C 3 5.02 7.28 3.28
H73 PDU C 3 4.26 8.89 3.11
H6 PDU C 3 0.18 6.01 4.10
N1 DCM C 4 -3.47 0.90 1.88
C2 DCM C 4 -3.64 0.96 0.49
N3 DCM C 4 -2.54 1.39 -0.26
C4 DCM C 4 -1.35 1.74 0.32
C5 DCM C 4 -1.21 1.65 1.76
C6 DCM C 4 -2.29 1.22 2.48
O2 DCM C 4 -4.69 0.63 -0.04
N4 DCM C 4 -0.35 2.20 -0.44
C1' DCM C 4 -4.62 0.56 2.75
C2' DCM C 4 -4.47 -0.69 3.64
C3' DCM C 4 -5.39 -0.75 4.81
C4' DCM C 4 -5.43 0.74 4.91
O4' DCM C 4 -4.74 1.43 3.87
O3' DCM C 4 -6.39 -1.60 4.19
C5' DCM C 4 -5.16 1.33 6.31
O5' DCM C 4 -3.76 1.13 6.57
P DCM C 4 -2.80 2.13 7.40
O1P DCM C 4 -1.41 1.69 7.16
O2P DCM C 4 -3.31 2.18 8.79
H5 DCM C 4 -0.26 1.92 2.19
H3 DCM C 4 -2.62 1.43 -1.27
H6 DCM C 4 -2.33 1.06 3.58
HN41 DCM C 4 -0.43 2.29 -1.47
HN42 DCM C 4 0.49 2.48 0.07
H1' DCM C 4 -5.59 0.99 2.40
H2'1 DCM C 4 -3.59 -1.36 3.57
H2'2 DCM C 4 -5.37 -1.15 3.29
H3' DCM C 4 -4.90 -1.21 5.67
H4' DCM C 4 -6.37 0.64 4.40
H5'1 DCM C 4 -5.34 2.41 6.32
H5'2 DCM C 4 -5.80 0.93 7.10
P PDU C 5 -7.79 -1.29 3.45
OP2 PDU C 5 -8.84 -2.09 4.12
OP1 PDU C 5 -7.96 0.16 3.27
O5' PDU C 5 -7.50 -1.94 1.97
C5' PDU C 5 -6.45 -1.47 1.07
C4' PDU C 5 -6.44 -2.15 -0.31
O4' PDU C 5 -5.31 -1.71 -1.08
C3' PDU C 5 -6.28 -3.66 -0.19
O3' PDU C 5 -6.80 -4.27 -1.37
C2' PDU C 5 -4.78 -3.78 -0.12
C1' PDU C 5 -4.31 -2.76 -1.14
N1 PDU C 5 -2.98 -2.15 -0.91
C2 PDU C 5 -2.23 -1.84 -2.03
O2 PDU C 5 -2.62 -2.08 -3.16
N3 PDU C 5 -1.00 -1.23 -1.78
C4 PDU C 5 -0.47 -0.92 -0.55
O4 PDU C 5 0.63 -0.38 -0.45
C5 PDU C 5 -1.32 -1.30 0.56
C5A PDU C 5 -0.88 -1.05 1.90
C5B PDU C 5 -0.53 -0.84 3.02
C5M PDU C 5 -0.10 -0.56 4.39
C6 PDU C 5 -2.52 -1.88 0.35
H5' PDU C 5 -5.47 -1.69 1.46
H5'' PDU C 5 -6.53 -0.40 0.92
H4' PDU C 5 -7.36 -1.91 -0.84
H3' PDU C 5 -6.80 -4.04 0.69
H2'' PDU C 5 -4.42 -4.78 -0.36
H2' PDU C 5 -4.53 -3.54 0.90
H1' PDU C 5 -4.33 -3.23 -2.13
H3 PDU C 5 -0.43 -0.97 -2.57
H71 PDU C 5 -0.82 0.10 4.86
H72 PDU C 5 0.88 -0.08 4.37
H73 PDU C 5 -0.04 -1.50 4.94
H6 PDU C 5 -3.10 -2.12 1.23
P PDU C 7 -3.70 -9.26 -6.74
OP2 PDU C 7 -3.87 -10.36 -5.77
OP1 PDU C 7 -4.29 -9.38 -8.09
O5' PDU C 7 -2.13 -8.97 -6.90
C5' PDU C 7 -1.64 -8.30 -8.07
C4' PDU C 7 -0.13 -8.20 -8.06
O4' PDU C 7 0.41 -7.34 -7.01
C3' PDU C 7 0.52 -9.56 -7.88
O3' PDU C 7 1.57 -9.79 -8.81
C2' PDU C 7 1.01 -9.50 -6.45
C1' PDU C 7 1.42 -8.05 -6.27
N1 PDU C 7 1.54 -7.57 -4.87
C2 PDU C 7 2.63 -6.78 -4.56
O2 PDU C 7 3.48 -6.47 -5.41
N3 PDU C 7 2.72 -6.33 -3.25
C4 PDU C 7 1.82 -6.60 -2.24
O4 PDU C 7 1.99 -6.16 -1.10
C5 PDU C 7 0.71 -7.44 -2.64
C5A PDU C 7 -0.30 -7.80 -1.69
C5B PDU C 7 -1.13 -8.10 -0.90
C5M PDU C 7 -2.17 -8.47 0.07
C6 PDU C 7 0.61 -7.89 -3.91
H5' PDU C 7 -2.08 -7.30 -8.12
H5'' PDU C 7 -1.93 -8.87 -8.95
H4' PDU C 7 0.18 -7.78 -9.02
H3' PDU C 7 -0.21 -10.36 -8.03
H2'' PDU C 7 1.83 -10.18 -6.23
H2' PDU C 7 0.15 -9.75 -5.83
H1' PDU C 7 2.37 -7.92 -6.76
H3 PDU C 7 3.51 -5.74 -3.00
H71 PDU C 7 -3.13 -8.04 -0.25
H72 PDU C 7 -1.91 -8.06 1.05
H73 PDU C 7 -2.26 -9.55 0.13
H6 PDU C 7 -0.25 -8.52 -4.16
P PDU C 8 2.35 -11.20 -8.74
OP2 PDU C 8 1.70 -12.02 -7.70
OP1 PDU C 8 2.50 -11.73 -10.12
O5' PDU C 8 3.78 -10.72 -8.20
C5' PDU C 8 4.54 -9.83 -9.03
C4' PDU C 8 5.75 -9.27 -8.31
O4' PDU C 8 5.30 -8.59 -7.11
C3' PDU C 8 6.71 -10.39 -7.89
O3' PDU C 8 8.05 -10.02 -8.25
C2' PDU C 8 6.58 -10.36 -6.39
C1' PDU C 8 6.21 -8.93 -6.07
N1 PDU C 8 5.59 -8.87 -4.72
C2 PDU C 8 6.25 -8.15 -3.75
O2 PDU C 8 7.32 -7.58 -3.98
N3 PDU C 8 5.66 -8.12 -2.50
C4 PDU C 8 4.48 -8.73 -2.14
O4 PDU C 8 4.06 -8.63 -0.99
C5 PDU C 8 3.84 -9.45 -3.22
C5A PDU C 8 2.61 -10.13 -2.97
C5B PDU C 8 1.57 -10.69 -2.74
C5M PDU C 8 0.31 -11.36 -2.46
C6 PDU C 8 4.40 -9.50 -4.45
H5' PDU C 8 3.89 -9.00 -9.33
H5'' PDU C 8 4.86 -10.38 -9.91
H4' PDU C 8 6.28 -8.57 -8.95
H3' PDU C 8 6.44 -11.35 -8.32
H2 PDU C 8 8.16 -10.24 -9.18
H2'' PDU C 8 7.47 -10.69 -5.85
H2' PDU C 8 5.74 -11.01 -6.14
H1' PDU C 8 7.10 -8.32 -6.14
H3 PDU C 8 6.13 -7.60 -1.77
H71 PDU C 8 -0.48 -10.96 -3.10
H72 PDU C 8 0.03 -11.20 -1.42
H73 PDU C 8 0.43 -12.44 -2.63
H6 PDU C 8 3.90 -10.05 -5.25
O5' PDU C 1 5.34 15.37 4.33
C5' PDU C 1 5.26 15.30 5.76
C4' PDU C 1 4.29 13.98 6.11
O4' PDU C 1 3.12 14.38 5.23
C3' PDU C 1 4.94 12.78 5.38
O3' PDU C 1 4.87 11.57 6.15
C2' PDU C 1 3.97 12.53 4.17
C1' PDU C 1 2.57 13.28 4.46
N1 PDU C 1 1.98 13.58 3.11
C2 PDU C 1 0.77 12.91 2.83
O2 PDU C 1 0.22 12.17 3.62
N3 PDU C 1 0.21 13.14 1.58
C4 PDU C 1 0.73 13.95 0.59
O4 PDU C 1 0.15 14.05 -0.48
C5 PDU C 1 1.99 14.60 0.96
C5A PDU C 1 2.66 15.45 0.02
C5B PDU C 1 3.22 16.16 -0.76
C5M PDU C 1 3.88 17.02 -1.73
C6 PDU C 1 2.55 14.41 2.17
H5' PDU C 1 4.87 16.31 5.97
H5'' PDU C 1 6.35 15.40 6.01
H4' PDU C 1 4.17 13.49 7.16
H3' PDU C 1 6.00 13.06 5.23
H2'' PDU C 1 3.89 11.48 3.82
H2' PDU C 1 4.48 13.00 3.31
H1' PDU C 1 1.61 12.90 4.90
H3 PDU C 1 -0.67 12.66 1.38
H71 PDU C 1 4.88 16.63 -1.93
H72 PDU C 1 3.95 18.04 -1.34
H73 PDU C 1 3.30 17.01 -2.66
H6 PDU C 1 3.46 14.99 2.33
P PDU C 3 0.55 6.68 9.39
OP2 PDU C 3 0.98 5.89 10.57
OP1 PDU C 3 0.33 8.13 9.52
O5' PDU C 3 -0.79 6.01 8.74
C5' PDU C 3 -1.30 6.59 7.53
C4' PDU C 3 -1.94 5.60 6.53
O4' PDU C 3 -2.18 6.09 5.17
C3' PDU C 3 -1.35 4.21 6.38
O3' PDU C 3 -2.28 3.15 6.62
C2' PDU C 3 -0.88 4.24 4.97
C1' PDU C 3 -1.85 5.09 4.15
N1 PDU C 3 -1.05 5.56 2.95
C2 PDU C 3 -1.57 5.36 1.66
O2 PDU C 3 -2.67 4.86 1.48
N3 PDU C 3 -0.78 5.78 0.59
C4 PDU C 3 0.47 6.37 0.70
O4 PDU C 3 1.10 6.69 -0.30
C5 PDU C 3 0.93 6.53 2.06
C5A PDU C 3 2.22 7.12 2.28
C5B PDU C 3 3.29 7.62 2.44
C5M PDU C 3 4.59 8.28 2.64
C6 PDU C 3 0.18 6.14 3.12
H5' PDU C 3 -0.49 7.16 7.09
H5'' PDU C 3 -2.08 7.28 7.82
H4' PDU C 3 -2.93 5.38 6.85
H3' PDU C 3 -0.47 4.14 7.03
H2'' PDU C 3 -0.96 3.24 4.64
H2' PDU C 3 0.16 4.55 5.02
H1' PDU C 3 -2.76 4.57 3.82
H3 PDU C 3 -1.13 5.64 -0.36
H71 PDU C 3 5.25 7.61 3.18
H72 PDU C 3 4.47 9.18 3.22
H73 PDU C 3 5.03 8.54 1.67
H6 PDU C 3 0.55 6.26 4.14
N1 DCM C 4 -2.74 1.56 1.17
C2 DCM C 4 -3.05 1.59 -0.19
N3 DCM C 4 -2.02 1.94 -1.04
C4 DCM C 4 -0.76 2.25 -0.59
C5 DCM C 4 -0.49 2.22 0.79
C6 DCM C 4 -1.49 1.87 1.61
O2 DCM C 4 -4.17 1.31 -0.61
N4 DCM C 4 0.18 2.59 -1.45
C1' DCM C 4 -3.83 1.21 2.12
C2' DCM C 4 -3.50 -0.24 2.34
C3' DCM C 4 -4.07 -0.89 3.55
C4' DCM C 4 -4.03 0.44 4.32
O4' DCM C 4 -3.64 1.58 3.50
O3' DCM C 4 -5.28 -1.45 3.01
C5' DCM C 4 -3.73 0.53 5.84
O5' DCM C 4 -2.32 0.63 6.16
P DCM C 4 -1.83 1.74 7.25
O1P DCM C 4 -0.36 1.71 7.28
O2P DCM C 4 -2.61 1.56 8.50
H5 DCM C 4 0.43 2.45 1.28
H3 DCM C 4 -2.20 1.94 -2.03
H6 DCM C 4 -1.09 1.85 2.62
HN41 DCM C 4 -0.02 2.63 -2.46
HN42 DCM C 4 1.09 2.79 -1.03
H1' DCM C 4 -4.81 1.64 1.87
H2'1 DCM C 4 -3.03 0.20 3.16
H2'2 DCM C 4 -2.55 -0.50 1.95
H3' DCM C 4 -3.44 -1.66 3.97
H4' DCM C 4 -4.98 0.56 3.98
H5'1 DCM C 4 -4.14 1.48 6.20
H5'2 DCM C 4 -4.19 -0.30 6.38
P PDU C 5 -6.83 -1.00 3.00
OP2 PDU C 5 -7.61 -1.97 3.79
OP1 PDU C 5 -6.96 0.45 3.28
O5' PDU C 5 -7.08 -1.25 1.42
C5' PDU C 5 -6.00 -0.95 0.50
C4' PDU C 5 -6.14 -1.61 -0.87
O4' PDU C 5 -4.97 -1.36 -1.69
C3' PDU C 5 -6.20 -3.13 -0.76
O3' PDU C 5 -6.77 -3.62 -1.97
C2' PDU C 5 -4.73 -3.48 -0.72
C1' PDU C 5 -4.10 -2.52 -1.73
N1 PDU C 5 -2.72 -2.03 -1.46
C2 PDU C 5 -1.93 -1.75 -2.56
O2 PDU C 5 -2.33 -1.94 -3.71
N3 PDU C 5 -0.67 -1.25 -2.29
C4 PDU C 5 -0.13 -1.01 -1.05
O4 PDU C 5 1.00 -0.54 -0.95
C5 PDU C 5 -1.01 -1.33 0.02
C5A PDU C 5 -0.55 -1.14 1.36
C5B PDU C 5 -0.19 -0.95 2.47
C5M PDU C 5 0.26 -0.70 3.83
C6 PDU C 5 -2.25 -1.83 -0.20
H5' PDU C 5 -5.10 -1.37 0.92
H5'' PDU C 5 -5.92 0.13 0.38
H4' PDU C 5 -7.02 -1.23 -1.39
H3' PDU C 5 -6.77 -3.45 0.10
H2'' PDU C 5 -4.54 -4.52 -0.98
H2' PDU C 5 -4.40 -3.29 0.29
H1' PDU C 5 -4.19 -2.97 -2.71
H3 PDU C 5 -0.06 -1.00 -3.04
H71 PDU C 5 0.11 -1.59 4.44
H72 PDU C 5 -0.32 0.12 4.26
H73 PDU C 5 1.30 -0.44 3.80
H6 PDU C 5 -2.87 -2.07 0.64
P PDU C 7 -3.96 -9.70 -6.05
OP2 PDU C 7 -3.98 -10.63 -4.89
OP1 PDU C 7 -4.53 -10.15 -7.34
O5' PDU C 7 -2.44 -9.24 -6.31
C5' PDU C 7 -2.11 -8.63 -7.57
C4' PDU C 7 -0.61 -8.38 -7.75
O4' PDU C 7 -0.08 -7.42 -6.80
C3' PDU C 7 0.19 -9.67 -7.57
O3' PDU C 7 1.21 -9.86 -8.55
C2' PDU C 7 0.76 -9.50 -6.19
C1' PDU C 7 1.02 -8.01 -6.11
N1 PDU C 7 1.17 -7.52 -4.72
C2 PDU C 7 2.29 -6.78 -4.44
O2 PDU C 7 3.14 -6.54 -5.29
N3 PDU C 7 2.41 -6.34 -3.13
C4 PDU C 7 1.53 -6.58 -2.10
O4 PDU C 7 1.74 -6.13 -0.98
C5 PDU C 7 0.37 -7.36 -2.49
C5A PDU C 7 -0.63 -7.68 -1.51
C5B PDU C 7 -1.46 -7.93 -0.68
C5M PDU C 7 -2.48 -8.24 0.33
C6 PDU C 7 0.24 -7.79 -3.75
H5' PDU C 7 -2.66 -7.69 -7.66
H5'' PDU C 7 -2.44 -9.33 -8.34
H4' PDU C 7 -0.42 -8.01 -8.76
H3' PDU C 7 -0.49 -10.53 -7.64
H2'' PDU C 7 1.66 -10.08 -6.00
H2' PDU C 7 -0.03 -9.80 -5.49
H1' PDU C 7 1.94 -7.83 -6.67
H3 PDU C 7 3.24 -5.80 -2.91
H71 PDU C 7 -3.42 -7.81 0.03
H72 PDU C 7 -2.17 -7.80 1.29
H73 PDU C 7 -2.58 -9.32 0.43
H6 PDU C 7 -0.63 -8.38 -4.00
P PDU C 8 2.18 -11.14 -8.46
OP2 PDU C 8 1.53 -12.16 -7.60
OP1 PDU C 8 2.62 -11.50 -9.83
O5' PDU C 8 3.45 -10.55 -7.67
C5' PDU C 8 4.27 -9.60 -8.35
C4' PDU C 8 5.50 -9.20 -7.57
O4' PDU C 8 5.12 -8.62 -6.31
C3' PDU C 8 6.38 -10.43 -7.27
O3' PDU C 8 7.74 -10.07 -7.57
C2' PDU C 8 6.26 -10.54 -5.76
C1' PDU C 8 6.00 -9.12 -5.30
N1 PDU C 8 5.34 -9.04 -3.98
C2 PDU C 8 5.99 -8.39 -2.95
O2 PDU C 8 7.09 -7.87 -3.08
N3 PDU C 8 5.31 -8.35 -1.75
C4 PDU C 8 4.08 -8.90 -1.48
O4 PDU C 8 3.61 -8.78 -0.35
C5 PDU C 8 3.48 -9.56 -2.61
C5A PDU C 8 2.18 -10.17 -2.48
C5B PDU C 8 1.10 -10.67 -2.40
C5M PDU C 8 -0.20 -11.31 -2.29
C6 PDU C 8 4.11 -9.61 -3.80
H5' PDU C 8 3.67 -8.71 -8.55
H5'' PDU C 8 4.57 -10.03 -9.31
H4' PDU C 8 6.10 -8.49 -8.15
H3' PDU C 8 6.07 -11.33 -7.80
H2 PDU C 8 8.27 -10.84 -7.42
H2'' PDU C 8 7.13 -10.96 -5.27
H2' PDU C 8 5.38 -11.14 -5.55
H1' PDU C 8 6.93 -8.54 -5.29
H3 PDU C 8 5.74 -7.88 -0.98
H71 PDU C 8 -0.10 -12.38 -2.50
H72 PDU C 8 -0.88 -10.84 -3.00
H73 PDU C 8 -0.59 -11.17 -1.28
H6 PDU C 8 3.63 -10.13 -4.64
O5' PDU C 1 5.55 14.21 8.69
C5' PDU C 1 4.72 14.62 7.59
C4' PDU C 1 3.72 13.42 7.20
O4' PDU C 1 2.89 14.03 6.10
C3' PDU C 1 4.43 12.22 6.51
O3' PDU C 1 4.26 10.95 7.12
C2' PDU C 1 3.80 12.18 5.06
C1' PDU C 1 2.46 13.06 5.10
N1 PDU C 1 2.13 13.47 3.67
C2 PDU C 1 0.91 13.03 3.16
O2 PDU C 1 0.08 12.41 3.82
N3 PDU C 1 0.64 13.32 1.84
C4 PDU C 1 1.46 14.00 0.97
O4 PDU C 1 1.09 14.18 -0.19
C5 PDU C 1 2.71 14.43 1.56
C5A PDU C 1 3.68 15.10 0.76
C5B PDU C 1 4.48 15.66 0.08
C5M PDU C 1 5.46 16.34 -0.76
C6 PDU C 1 3.00 14.16 2.87
H5' PDU C 1 5.40 14.92 6.77
H5'' PDU C 1 4.31 15.63 7.82
H4' PDU C 1 3.35 12.77 8.10
H3' PDU C 1 5.50 12.49 6.61
H2'' PDU C 1 3.70 11.16 4.63
H2' PDU C 1 4.58 12.59 4.45
H1' PDU C 1 1.40 12.77 5.30
H3 PDU C 1 -0.24 13.02 1.46
H71 PDU C 1 5.67 17.33 -0.34
H72 PDU C 1 5.06 16.45 -1.76
H73 PDU C 1 6.39 15.76 -0.79
H6 PDU C 1 3.94 14.58 3.23
P PDU C 3 -0.93 6.01 9.57
OP2 PDU C 3 0.08 5.04 10.03
OP1 PDU C 3 -2.14 6.28 10.39
O5' PDU C 3 -1.39 5.59 8.09
C5' PDU C 3 -2.65 5.98 7.55
C4' PDU C 3 -2.88 5.28 6.23
O4' PDU C 3 -2.64 5.90 4.95
C3' PDU C 3 -2.42 3.84 6.18
O3' PDU C 3 -3.46 2.88 6.11
C2' PDU C 3 -1.54 3.93 4.95
C1' PDU C 3 -2.16 4.92 4.00
N1 PDU C 3 -1.16 5.48 3.07
C2 PDU C 3 -1.45 5.49 1.71
O2 PDU C 3 -2.50 5.02 1.27
N3 PDU C 3 -0.49 6.03 0.86
C4 PDU C 3 0.71 6.56 1.25
O4 PDU C 3 1.47 7.02 0.39
C5 PDU C 3 0.94 6.51 2.70
C5A PDU C 3 2.18 7.01 3.20
C5B PDU C 3 3.21 7.46 3.57
C5M PDU C 3 4.47 8.08 3.96
C6 PDU C 3 0.02 6.00 3.56
H5' PDU C 3 -2.76 7.06 7.40
H5'' PDU C 3 -3.39 5.64 8.26
H4' PDU C 3 -3.94 5.16 6.21
H3' PDU C 3 -1.74 3.71 7.02
H2'' PDU C 3 -1.37 3.05 4.38
H2' PDU C 3 -0.61 4.26 5.38
H1' PDU C 3 -2.99 4.47 3.43
H3 PDU C 3 -0.65 6.06 -0.13
H71 PDU C 3 4.27 8.98 4.54
H72 PDU C 3 5.01 8.35 3.07
H73 PDU C 3 5.05 7.37 4.54
H6 PDU C 3 0.17 5.95 4.65
N1 DCM C 4 -3.51 0.71 1.87
C2 DCM C 4 -3.61 0.82 0.49
N3 DCM C 4 -2.50 1.24 -0.17
C4 DCM C 4 -1.32 1.56 0.46
C5 DCM C 4 -1.23 1.43 1.89
C6 DCM C 4 -2.35 1.02 2.56
O2 DCM C 4 -4.65 0.53 -0.10
N4 DCM C 4 -0.31 2.01 -0.31
C1' DCM C 4 -4.76 0.31 2.56
C2' DCM C 4 -4.85 -1.10 3.17
C3' DCM C 4 -5.93 -1.25 4.25
C4' DCM C 4 -5.77 0.23 4.66
O4' DCM C 4 -4.90 1.01 3.82
O3' DCM C 4 -7.04 -1.75 3.47
C5' DCM C 4 -6.10 0.80 6.08
O5' DCM C 4 -5.78 2.19 6.12
P DCM C 4 -4.68 2.71 7.17
O1P DCM C 4 -4.35 1.63 8.11
O2P DCM C 4 -5.10 4.03 7.68
H5 DCM C 4 -0.26 1.65 2.33
H3 DCM C 4 -2.57 1.32 -1.18
H6 DCM C 4 -2.42 0.91 3.67
HN41 DCM C 4 -0.44 2.08 -1.34
HN42 DCM C 4 0.56 2.27 0.16
H1' DCM C 4 -5.62 0.68 1.96
H2'1 DCM C 4 -4.55 -0.65 4.05
H2'2 DCM C 4 -3.89 -1.60 3.20
H3' DCM C 4 -5.76 -1.90 5.12
H4' DCM C 4 -6.46 0.41 3.94
H5'1 DCM C 4 -7.17 0.76 6.31
H5'2 DCM C 4 -5.57 0.28 6.88
P PDU C 5 -8.40 -1.12 2.79
OP2 PDU C 5 -9.59 -1.85 3.30
OP1 PDU C 5 -8.36 0.36 2.83
O5' PDU C 5 -8.14 -1.60 1.27
C5' PDU C 5 -6.88 -1.27 0.67
C4' PDU C 5 -6.50 -2.19 -0.49
O4' PDU C 5 -5.25 -1.79 -1.10
C3' PDU C 5 -6.35 -3.65 -0.09
O3' PDU C 5 -6.99 -4.49 -1.05
C2' PDU C 5 -4.84 -3.79 0.01
C1' PDU C 5 -4.28 -2.88 -1.07
N1 PDU C 5 -2.94 -2.26 -0.80
C2 PDU C 5 -2.17 -1.86 -1.88
O2 PDU C 5 -2.55 -2.04 -3.05
N3 PDU C 5 -0.95 -1.26 -1.59
C4 PDU C 5 -0.44 -1.03 -0.32
O4 PDU C 5 0.65 -0.47 -0.17
C5 PDU C 5 -1.31 -1.48 0.74
C5A PDU C 5 -0.92 -1.32 2.12
C5B PDU C 5 -0.63 -1.20 3.26
C5M PDU C 5 -0.30 -1.05 4.68
C6 PDU C 5 -2.48 -2.06 0.48
H5' PDU C 5 -6.11 -1.43 1.40
H5'' PDU C 5 -6.87 -0.22 0.38
H4' PDU C 5 -7.30 -2.12 -1.24
H3' PDU C 5 -6.82 -3.83 0.87
H2'' PDU C 5 -4.48 -4.80 -0.10
H2' PDU C 5 -4.63 -3.42 1.01
H1' PDU C 5 -4.28 -3.41 -2.02
H3 PDU C 5 -0.34 -0.94 -2.35
H71 PDU C 5 0.70 -0.65 4.78
H72 PDU C 5 -0.37 -2.03 5.16
H73 PDU C 5 -1.02 -0.38 5.15
H6 PDU C 5 -3.04 -2.36 1.36
P PDU C 7 -4.20 -8.95 -6.45
OP2 PDU C 7 -4.53 -9.75 -5.25
OP1 PDU C 7 -4.74 -9.34 -7.77
O5' PDU C 7 -2.60 -8.86 -6.57
C5' PDU C 7 -2.05 -8.40 -7.79
C4' PDU C 7 -0.52 -8.33 -7.78
O4' PDU C 7 0.02 -7.36 -6.84
C3' PDU C 7 0.09 -9.69 -7.44
O3' PDU C 7 1.17 -9.98 -8.34
C2' PDU C 7 0.56 -9.46 -6.02
C1' PDU C 7 0.99 -8.00 -6.00
N1 PDU C 7 1.13 -7.40 -4.65
C2 PDU C 7 2.28 -6.68 -4.42
O2 PDU C 7 3.15 -6.52 -5.28
N3 PDU C 7 2.41 -6.13 -3.16
C4 PDU C 7 1.50 -6.24 -2.13
O4 PDU C 7 1.72 -5.71 -1.04
C5 PDU C 7 0.32 -7.00 -2.45
C5A PDU C 7 -0.70 -7.18 -1.45
C5B PDU C 7 -1.53 -7.32 -0.61
C5M PDU C 7 -2.55 -7.50 0.43
C6 PDU C 7 0.17 -7.55 -3.68
H5' PDU C 7 -2.46 -7.41 -8.01
H5'' PDU C 7 -2.35 -9.09 -8.58
H4' PDU C 7 -0.16 -8.08 -8.76
H3' PDU C 7 -0.66 -10.46 -7.52
H2'' PDU C 7 1.37 -10.14 -5.72
H2' PDU C 7 -0.31 -9.59 -5.38
H1' PDU C 7 1.96 -7.98 -6.50
H3 PDU C 7 3.24 -5.60 -2.96
H71 PDU C 7 -2.65 -8.56 0.67
H72 PDU C 7 -3.50 -7.11 0.06
H73 PDU C 7 -2.25 -6.96 1.33
H6 PDU C 7 -0.73 -8.12 -3.89
P PDU C 8 1.80 -11.46 -8.47
OP2 PDU C 8 1.14 -12.32 -7.46
OP1 PDU C 8 1.79 -11.84 -9.89
O5' PDU C 8 3.33 -11.24 -8.01
C5' PDU C 8 4.17 -10.44 -8.87
C4' PDU C 8 5.42 -9.93 -8.15
O4' PDU C 8 5.02 -9.17 -6.98
C3' PDU C 8 6.31 -11.09 -7.68
O3' PDU C 8 7.66 -10.80 -8.07
C2' PDU C 8 6.20 -10.98 -6.18
C1' PDU C 8 5.93 -9.51 -5.93
N1 PDU C 8 5.35 -9.27 -4.60
C2 PDU C 8 6.15 -8.63 -3.67
O2 PDU C 8 7.30 -8.28 -3.93
N3 PDU C 8 5.58 -8.41 -2.43
C4 PDU C 8 4.30 -8.77 -2.04
O4 PDU C 8 3.89 -8.52 -0.91
C5 PDU C 8 3.54 -9.43 -3.07
C5A PDU C 8 2.20 -9.85 -2.77
C5B PDU C 8 1.09 -10.18 -2.51
C5M PDU C 8 -0.28 -10.59 -2.17
C6 PDU C 8 4.08 -9.66 -4.29
H5' PDU C 8 3.58 -9.59 -9.21
H5'' PDU C 8 4.48 -11.04 -9.73
H4' PDU C 8 5.97 -9.28 -8.82
H3' PDU C 8 5.98 -12.04 -8.06
H2 PDU C 8 8.18 -11.57 -7.84
H2'' PDU C 8 7.07 -11.35 -5.63
H2' PDU C 8 5.31 -11.53 -5.88
H1' PDU C 8 6.85 -8.95 -6.06
H3 PDU C 8 6.14 -7.95 -1.73
H71 PDU C 8 -0.36 -11.67 -2.25
H72 PDU C 8 -0.98 -10.12 -2.87
H73 PDU C 8 -0.51 -10.27 -1.17
H6 PDU C 8 3.47 -10.17 -5.05
O5' PDU C 1 5.04 15.77 5.74
C5' PDU C 1 4.76 15.23 7.04
C4' PDU C 1 3.70 14.04 6.85
O4' PDU C 1 2.68 14.72 6.00
C3' PDU C 1 4.35 12.98 5.95
O3' PDU C 1 4.39 11.63 6.43
C2' PDU C 1 3.46 13.02 4.67
C1' PDU C 1 2.11 13.82 5.02
N1 PDU C 1 1.68 14.27 3.66
C2 PDU C 1 0.52 13.65 3.18
O2 PDU C 1 -0.15 12.87 3.85
N3 PDU C 1 0.15 13.94 1.89
C4 PDU C 1 0.79 14.78 1.02
O4 PDU C 1 0.35 14.94 -0.12
C5 PDU C 1 1.98 15.40 1.58
C5A PDU C 1 2.76 16.27 0.74
C5B PDU C 1 3.40 16.98 0.03
C5M PDU C 1 4.19 17.85 -0.84
C6 PDU C 1 2.37 15.15 2.84
H5' PDU C 1 4.45 16.12 7.62
H5'' PDU C 1 5.77 14.94 7.38
H4' PDU C 1 3.41 13.34 7.73
H3' PDU C 1 5.42 13.32 5.89
H2'' PDU C 1 3.32 12.01 4.23
H2' PDU C 1 4.07 13.53 3.93
H1' PDU C 1 1.10 13.51 5.40
H3 PDU C 1 -0.68 13.48 1.55
H71 PDU C 1 5.20 17.42 -0.94
H72 PDU C 1 4.28 18.83 -0.40
H73 PDU C 1 3.73 17.89 -1.82
H6 PDU C 1 3.24 15.71 3.20
P PDU C 3 -0.04 7.04 9.68
OP2 PDU C 3 1.07 6.08 9.82
OP1 PDU C 3 -0.98 7.23 10.81
O5' PDU C 3 -0.94 6.62 8.40
C5' PDU C 3 -0.68 5.46 7.58
C4' PDU C 3 -1.90 5.04 6.73
O4' PDU C 3 -2.05 5.94 5.60
C3' PDU C 3 -1.64 3.67 6.17
O3' PDU C 3 -2.78 2.80 6.05
C2' PDU C 3 -1.21 3.99 4.81
C1' PDU C 3 -1.98 5.19 4.38
N1 PDU C 3 -1.04 5.79 3.39
C2 PDU C 3 -1.37 5.76 2.04
O2 PDU C 3 -2.42 5.25 1.64
N3 PDU C 3 -0.46 6.32 1.16
C4 PDU C 3 0.74 6.91 1.53
O4 PDU C 3 1.49 7.38 0.66
C5 PDU C 3 1.00 6.90 2.96
C5A PDU C 3 2.23 7.46 3.43
C5B PDU C 3 3.25 7.96 3.77
C5M PDU C 3 4.48 8.64 4.14
C6 PDU C 3 0.12 6.34 3.83
H5' PDU C 3 -0.39 4.65 8.23
H5'' PDU C 3 0.13 5.59 6.87
H4' PDU C 3 -2.87 4.99 7.24
H3' PDU C 3 -0.76 3.30 6.72
H2'' PDU C 3 -1.45 3.24 4.10
H2' PDU C 3 -0.14 4.08 4.80
H1' PDU C 3 -3.00 4.98 4.05
H3 PDU C 3 -0.67 6.29 0.16
H71 PDU C 3 4.93 9.02 3.21
H72 PDU C 3 5.16 7.95 4.64
H73 PDU C 3 4.25 9.50 4.78
H6 PDU C 3 0.31 6.30 4.92
N1 DCM C 4 -3.75 1.09 1.61
C2 DCM C 4 -3.80 1.10 0.21
N3 DCM C 4 -2.63 1.47 -0.44
C4 DCM C 4 -1.49 1.81 0.22
C5 DCM C 4 -1.46 1.76 1.66
C6 DCM C 4 -2.62 1.40 2.32
O2 DCM C 4 -4.82 0.79 -0.40
N4 DCM C 4 -0.42 2.22 -0.51
C1' DCM C 4 -4.98 0.77 2.37
C2' DCM C 4 -4.91 -0.40 3.35
C3' DCM C 4 -5.98 -0.38 4.44
C4' DCM C 4 -6.04 1.11 4.45
O4' DCM C 4 -5.22 1.69 3.44
O3' DCM C 4 -6.92 -1.25 3.75
C5' DCM C 4 -6.02 1.79 5.83
O5' DCM C 4 -4.82 1.37 6.49
P DCM C 4 -3.73 2.28 7.25
O1P DCM C 4 -2.91 1.39 8.09
O2P DCM C 4 -4.43 3.44 7.85
H5 DCM C 4 -0.49 2.01 2.08
H3 DCM C 4 -2.63 1.49 -1.46
H6 DCM C 4 -2.84 1.28 3.41
HN41 DCM C 4 -0.47 2.27 -1.54
HN42 DCM C 4 0.41 2.49 0.02
H1' DCM C 4 -5.90 1.22 1.92
H2'1 DCM C 4 -4.13 -1.17 3.22
H2'2 DCM C 4 -5.84 -0.84 3.02
H3' DCM C 4 -5.64 -0.76 5.41
H4' DCM C 4 -6.93 1.04 3.84
H5'1 DCM C 4 -6.11 2.89 5.78
H5'2 DCM C 4 -6.89 1.49 6.44
P PDU C 5 -8.25 -1.00 2.84
OP2 PDU C 5 -9.38 -1.74 3.43
OP1 PDU C 5 -8.41 0.43 2.49
O5' PDU C 5 -7.78 -1.79 1.48
C5' PDU C 5 -6.62 -1.41 0.70
C4' PDU C 5 -6.52 -2.09 -0.67
O4' PDU C 5 -5.34 -1.65 -1.39
C3' PDU C 5 -6.41 -3.60 -0.57
O3' PDU C 5 -6.98 -4.16 -1.75
C2' PDU C 5 -4.91 -3.74 -0.47
C1' PDU C 5 -4.32 -2.67 -1.41
N1 PDU C 5 -3.01 -2.05 -1.05
C2 PDU C 5 -2.14 -1.71 -2.08
O2 PDU C 5 -2.41 -1.93 -3.26
N3 PDU C 5 -0.95 -1.09 -1.70
C4 PDU C 5 -0.56 -0.80 -0.41
O4 PDU C 5 0.52 -0.25 -0.22
C5 PDU C 5 -1.52 -1.19 0.59
C5A PDU C 5 -1.21 -0.94 1.97
C5B PDU C 5 -0.95 -0.73 3.12
C5M PDU C 5 -0.62 -0.45 4.52
C6 PDU C 5 -2.68 -1.79 0.26
H5' PDU C 5 -5.70 -1.70 1.20
H5'' PDU C 5 -6.63 -0.34 0.54
H4' PDU C 5 -7.40 -1.81 -1.23
H3' PDU C 5 -6.94 -3.98 0.30
H2'' PDU C 5 -4.55 -4.74 -0.70
H2' PDU C 5 -4.71 -3.53 0.58
H1' PDU C 5 -4.26 -3.09 -2.42
H3 PDU C 5 -0.28 -0.81 -2.42
H71 PDU C 5 -0.61 -1.38 5.08
H72 PDU C 5 -1.37 0.23 4.94
H73 PDU C 5 0.37 0.00 4.57
H6 PDU C 5 -3.36 -2.06 1.06
P PDU C 7 -4.09 -9.13 -6.56
OP2 PDU C 7 -4.43 -9.86 -5.31
OP1 PDU C 7 -4.67 -9.57 -7.84
O5' PDU C 7 -2.50 -9.11 -6.70
C5' PDU C 7 -1.95 -8.65 -7.94
C4' PDU C 7 -0.44 -8.70 -7.97
O4' PDU C 7 0.18 -7.79 -7.03
C3' PDU C 7 0.09 -10.11 -7.69
O3' PDU C 7 1.11 -10.44 -8.63
C2' PDU C 7 0.57 -9.94 -6.25
C1' PDU C 7 1.11 -8.52 -6.20
N1 PDU C 7 1.24 -7.87 -4.87
C2 PDU C 7 2.40 -7.14 -4.67
O2 PDU C 7 3.28 -7.05 -5.51
N3 PDU C 7 2.52 -6.52 -3.44
C4 PDU C 7 1.58 -6.55 -2.40
O4 PDU C 7 1.80 -5.95 -1.36
C5 PDU C 7 0.41 -7.34 -2.71
C5A PDU C 7 -0.63 -7.44 -1.71
C5B PDU C 7 -1.49 -7.51 -0.88
C5M PDU C 7 -2.52 -7.60 0.14
C6 PDU C 7 0.29 -7.95 -3.89
H5' PDU C 7 -2.29 -7.63 -8.14
H5'' PDU C 7 -2.34 -9.30 -8.73
H4' PDU C 7 -0.11 -8.42 -8.98
H3' PDU C 7 -0.72 -10.83 -7.79
H2'' PDU C 7 1.33 -10.67 -5.94
H2' PDU C 7 -0.31 -10.01 -5.62
H1' PDU C 7 2.08 -8.53 -6.68
H3 PDU C 7 3.35 -5.99 -3.28
H71 PDU C 7 -2.22 -7.05 1.02
H72 PDU C 7 -2.70 -8.64 0.41
H73 PDU C 7 -3.45 -7.16 -0.25
H6 PDU C 7 -0.62 -8.53 -4.07
P PDU C 8 1.78 -11.90 -8.71
OP2 PDU C 8 1.63 -12.57 -7.39
OP1 PDU C 8 1.31 -12.57 -9.94
O5' PDU C 8 3.30 -11.46 -8.89
C5' PDU C 8 3.67 -10.44 -7.96
C4' PDU C 8 5.16 -10.20 -7.80
O4' PDU C 8 5.11 -9.29 -6.68
C3' PDU C 8 5.89 -11.49 -7.38
O3' PDU C 8 7.24 -11.43 -7.88
C2' PDU C 8 5.95 -11.33 -5.90
C1' PDU C 8 5.96 -9.83 -5.67
N1 PDU C 8 5.33 -9.51 -4.38
C2 PDU C 8 6.05 -8.82 -3.44
O2 PDU C 8 7.21 -8.46 -3.64
N3 PDU C 8 5.39 -8.56 -2.25
C4 PDU C 8 4.09 -8.93 -1.92
O4 PDU C 8 3.63 -8.63 -0.82
C5 PDU C 8 3.42 -9.65 -2.97
C5A PDU C 8 2.07 -10.09 -2.75
C5B PDU C 8 0.95 -10.45 -2.56
C5M PDU C 8 -0.41 -10.90 -2.31
C6 PDU C 8 4.03 -9.91 -4.14
H5' PDU C 8 3.23 -10.72 -7.00
H5'' PDU C 8 3.19 -9.52 -8.29
H4' PDU C 8 5.61 -9.73 -8.68
H3' PDU C 8 5.39 -12.40 -7.72
H2 PDU C 8 7.19 -11.39 -8.85
H2'' PDU C 8 6.80 -11.80 -5.42
H2' PDU C 8 5.02 -11.75 -5.52
H1' PDU C 8 6.98 -9.43 -5.77
H3 PDU C 8 5.90 -8.05 -1.54
H71 PDU C 8 -0.74 -10.52 -1.34
H72 PDU C 8 -0.44 -11.99 -2.29
H73 PDU C 8 -1.08 -10.53 -3.09
H6 PDU C 8 3.48 -10.45 -4.90
O5' PDU C 1 4.14 15.82 7.47
C5' PDU C 1 4.75 14.80 6.69
C4' PDU C 1 3.71 13.62 6.41
O4' PDU C 1 2.73 14.33 5.51
C3' PDU C 1 4.40 12.61 5.46
O3' PDU C 1 4.40 11.27 5.91
C2' PDU C 1 3.55 12.67 4.15
C1' PDU C 1 2.19 13.46 4.48
N1 PDU C 1 1.63 13.84 3.13
C2 PDU C 1 0.38 13.29 2.79
O2 PDU C 1 -0.29 12.63 3.58
N3 PDU C 1 -0.09 13.51 1.51
C4 PDU C 1 0.56 14.23 0.53
O4 PDU C 1 0.06 14.34 -0.59
C5 PDU C 1 1.84 14.78 0.95
C5A PDU C 1 2.65 15.48 0.00
C5B PDU C 1 3.33 16.07 -0.79
C5M PDU C 1 4.10 16.78 -1.79
C6 PDU C 1 2.31 14.59 2.20
H5' PDU C 1 5.74 14.62 7.15
H5'' PDU C 1 5.04 15.27 5.75
H4' PDU C 1 3.41 13.00 7.35
H3' PDU C 1 5.46 12.97 5.46
H2'' PDU C 1 3.39 11.72 3.57
H2' PDU C 1 4.27 13.18 3.49
H1' PDU C 1 1.22 13.08 4.87
H3 PDU C 1 -0.99 13.11 1.29
H71 PDU C 1 4.20 17.83 -1.49
H72 PDU C 1 3.60 16.71 -2.74
H73 PDU C 1 5.09 16.33 -1.87
H6 PDU C 1 3.23 15.12 2.42
P PDU C 3 0.78 6.25 9.16
OP2 PDU C 3 2.10 5.58 9.13
OP1 PDU C 3 -0.05 6.13 10.37
O5' PDU C 3 -0.05 5.69 7.89
C5' PDU C 3 -1.43 6.02 7.73
C4' PDU C 3 -2.11 5.37 6.51
O4' PDU C 3 -2.12 6.03 5.22
C3' PDU C 3 -1.72 3.93 6.30
O3' PDU C 3 -2.82 3.02 6.39
C2' PDU C 3 -1.14 4.03 4.92
C1' PDU C 3 -1.92 5.08 4.14
N1 PDU C 3 -1.01 5.61 3.08
C2 PDU C 3 -1.39 5.50 1.73
O2 PDU C 3 -2.44 5.01 1.36
N3 PDU C 3 -0.48 5.99 0.80
C4 PDU C 3 0.74 6.55 1.10
O4 PDU C 3 1.50 6.97 0.22
C5 PDU C 3 1.03 6.62 2.51
C5A PDU C 3 2.28 7.17 2.90
C5B PDU C 3 3.33 7.66 3.16
C5M PDU C 3 4.61 8.27 3.44
C6 PDU C 3 0.17 6.15 3.46
H5' PDU C 3 -1.57 7.09 7.64
H5'' PDU C 3 -1.91 5.67 8.64
H4' PDU C 3 -3.14 5.27 6.78
H3' PDU C 3 -0.89 3.75 7.00
H2'' PDU C 3 -1.15 3.16 4.31
H2' PDU C 3 -0.13 4.29 5.17
H1' PDU C 3 -2.87 4.68 3.74
H3 PDU C 3 -0.73 5.91 -0.19
H71 PDU C 3 5.05 8.61 2.50
H72 PDU C 3 5.25 7.55 3.92
H73 PDU C 3 4.46 9.14 4.09
H6 PDU C 3 0.41 6.19 4.54
N1 DCM C 4 -3.45 0.94 2.13
C2 DCM C 4 -3.63 1.03 0.73
N3 DCM C 4 -2.50 1.38 -0.01
C4 DCM C 4 -1.29 1.63 0.58
C5 DCM C 4 -1.15 1.50 2.01
C6 DCM C 4 -2.25 1.17 2.74
O2 DCM C 4 -4.70 0.79 0.19
N4 DCM C 4 -0.29 2.01 -0.21
C1' DCM C 4 -4.61 0.67 2.98
C2' DCM C 4 -4.63 -0.61 3.82
C3' DCM C 4 -5.63 -0.62 4.93
C4' DCM C 4 -5.54 0.87 5.10
O4' DCM C 4 -4.73 1.53 4.11
O3' DCM C 4 -6.68 -1.33 4.22
C5' DCM C 4 -5.34 1.35 6.56
O5' DCM C 4 -4.06 0.87 7.00
P DCM C 4 -2.85 1.82 7.49
O1P DCM C 4 -1.61 1.02 7.32
O2P DCM C 4 -3.17 2.41 8.81
H5 DCM C 4 -0.13 1.69 2.38
H3 DCM C 4 -2.57 1.44 -1.02
H6 DCM C 4 -2.38 1.01 3.85
HN41 DCM C 4 -0.44 2.09 -1.23
HN42 DCM C 4 0.62 2.21 0.24
H1' DCM C 4 -5.51 1.18 2.56
H2'1 DCM C 4 -3.85 -1.38 3.68
H2'2 DCM C 4 -5.58 -0.90 3.40
H3' DCM C 4 -5.22 -1.17 5.77
H4' DCM C 4 -6.47 0.93 4.55
H5'1 DCM C 4 -5.39 2.44 6.64
H5'2 DCM C 4 -6.11 0.99 7.25
P PDU C 5 -8.02 -0.87 3.43
OP2 PDU C 5 -9.16 -1.63 3.97
OP1 PDU C 5 -8.10 0.61 3.37
O5' PDU C 5 -7.67 -1.41 1.92
C5' PDU C 5 -6.55 -0.96 1.11
C4' PDU C 5 -6.50 -1.60 -0.27
O4' PDU C 5 -5.27 -1.22 -0.94
C3' PDU C 5 -6.47 -3.12 -0.22
O3' PDU C 5 -7.02 -3.61 -1.43
C2' PDU C 5 -4.98 -3.38 -0.13
C1' PDU C 5 -4.37 -2.35 -1.08
N1 PDU C 5 -2.97 -1.90 -0.81
C2 PDU C 5 -2.16 -1.61 -1.90
O2 PDU C 5 -2.54 -1.79 -3.07
N3 PDU C 5 -0.89 -1.14 -1.62
C4 PDU C 5 -0.35 -0.92 -0.36
O4 PDU C 5 0.79 -0.48 -0.24
C5 PDU C 5 -1.26 -1.25 0.70
C5A PDU C 5 -0.85 -1.10 2.07
C5B PDU C 5 -0.51 -0.97 3.19
C5M PDU C 5 -0.09 -0.80 4.58
C6 PDU C 5 -2.51 -1.72 0.46
H5' PDU C 5 -5.58 -1.23 1.53
H5'' PDU C 5 -6.63 0.11 0.95
H4' PDU C 5 -7.34 -1.24 -0.85
H3' PDU C 5 -7.03 -3.53 0.62
H2'' PDU C 5 -4.71 -4.41 -0.41
H2' PDU C 5 -4.72 -3.20 0.90
H1' PDU C 5 -4.47 -2.73 -2.09
H3 PDU C 5 -0.25 -0.91 -2.38
H71 PDU C 5 0.96 -0.53 4.61
H72 PDU C 5 -0.23 -1.74 5.11
H73 PDU C 5 -0.69 -0.02 5.06
H6 PDU C 5 -3.12 -1.94 1.34
P PDU C 7 -3.80 -9.08 -6.35
OP2 PDU C 7 -3.68 -10.10 -5.27
OP1 PDU C 7 -4.34 -9.46 -7.68
O5' PDU C 7 -2.35 -8.42 -6.56
C5' PDU C 7 -2.02 -7.78 -7.80
C4' PDU C 7 -0.53 -7.77 -8.02
O4' PDU C 7 0.16 -6.99 -7.03
C3' PDU C 7 0.01 -9.21 -7.93
O3' PDU C 7 0.99 -9.46 -8.93
C2' PDU C 7 0.57 -9.22 -6.52
C1' PDU C 7 1.13 -7.80 -6.34
N1 PDU C 7 1.30 -7.33 -4.94
C2 PDU C 7 2.43 -6.58 -4.66
O2 PDU C 7 3.27 -6.31 -5.52
N3 PDU C 7 2.55 -6.13 -3.35
C4 PDU C 7 1.67 -6.36 -2.32
O4 PDU C 7 1.88 -5.92 -1.19
C5 PDU C 7 0.53 -7.16 -2.71
C5A PDU C 7 -0.48 -7.46 -1.72
C5B PDU C 7 -1.31 -7.70 -0.90
C5M PDU C 7 -2.33 -7.99 0.11
C6 PDU C 7 0.38 -7.60 -3.97
H5' PDU C 7 -2.41 -6.77 -7.82
H5'' PDU C 7 -2.48 -8.36 -8.60
H4' PDU C 7 -0.32 -7.37 -9.01
H3' PDU C 7 -0.80 -9.93 -8.07
H2'' PDU C 7 1.33 -9.98 -6.35
H2' PDU C 7 -0.28 -9.40 -5.88
H1' PDU C 7 2.09 -7.77 -6.86
H3 PDU C 7 3.37 -5.58 -3.12
H71 PDU C 7 -3.29 -7.58 -0.22
H72 PDU C 7 -2.05 -7.51 1.05
H73 PDU C 7 -2.42 -9.07 0.24
H6 PDU C 7 -0.49 -8.19 -4.20
P PDU C 8 1.71 -10.91 -8.97
OP2 PDU C 8 1.16 -11.73 -7.87
OP1 PDU C 8 1.68 -11.40 -10.36
O5' PDU C 8 3.22 -10.51 -8.59
C5' PDU C 8 3.91 -9.57 -9.42
C4' PDU C 8 5.18 -9.07 -8.77
O4' PDU C 8 4.82 -8.47 -7.51
C3' PDU C 8 6.14 -10.23 -8.48
O3' PDU C 8 7.47 -9.83 -8.85
C2' PDU C 8 6.10 -10.32 -6.97
C1' PDU C 8 5.77 -8.91 -6.53
N1 PDU C 8 5.22 -8.84 -5.15
C2 PDU C 8 6.02 -8.23 -4.21
O2 PDU C 8 7.13 -7.77 -4.49
N3 PDU C 8 5.51 -8.17 -2.93
C4 PDU C 8 4.28 -8.64 -2.52
O4 PDU C 8 3.95 -8.52 -1.35
C5 PDU C 8 3.52 -9.27 -3.57
C5A PDU C 8 2.22 -9.83 -3.26
C5B PDU C 8 1.15 -10.28 -2.98
C5M PDU C 8 -0.16 -10.83 -2.64
C6 PDU C 8 4.00 -9.35 -4.83
H5' PDU C 8 3.23 -8.73 -9.63
H5'' PDU C 8 4.15 -10.06 -10.36
H4' PDU C 8 5.66 -8.33 -9.41
H3' PDU C 8 5.85 -11.16 -8.99
H2 PDU C 8 7.71 -9.09 -8.30
H2'' PDU C 8 7.01 -10.69 -6.51
H2' PDU C 8 5.26 -10.97 -6.72
H1' PDU C 8 6.67 -8.30 -6.62
H3 PDU C 8 6.07 -7.72 -2.22
H71 PDU C 8 -0.92 -10.36 -3.25
H72 PDU C 8 -0.36 -10.65 -1.59
H73 PDU C 8 -0.15 -11.91 -2.83
H6 PDU C 8 3.39 -9.83 -5.61
O5' PDU C 1 4.39 15.94 7.71
C5' PDU C 1 5.04 14.95 6.91
C4' PDU C 1 3.99 13.73 6.71
O4' PDU C 1 3.02 14.41 5.78
C3' PDU C 1 4.58 12.56 5.87
O3' PDU C 1 4.51 11.25 6.46
C2' PDU C 1 3.73 12.60 4.55
C1' PDU C 1 2.43 13.50 4.82
N1 PDU C 1 2.13 13.94 3.41
C2 PDU C 1 0.97 13.38 2.85
O2 PDU C 1 0.22 12.64 3.49
N3 PDU C 1 0.70 13.69 1.55
C4 PDU C 1 1.44 14.49 0.72
O4 PDU C 1 1.07 14.67 -0.43
C5 PDU C 1 2.62 15.04 1.36
C5A PDU C 1 3.53 15.85 0.60
C5B PDU C 1 4.28 16.52 -0.02
C5M PDU C 1 5.22 17.35 -0.77
C6 PDU C 1 2.92 14.76 2.66
H5' PDU C 1 6.09 14.87 7.29
H5'' PDU C 1 5.25 15.45 5.94
H4' PDU C 1 3.62 13.16 7.66
H3' PDU C 1 5.66 12.81 5.83
H2'' PDU C 1 3.53 11.61 4.12
H2' PDU C 1 4.38 13.04 3.80
H1' PDU C 1 1.37 13.27 5.07
H3 PDU C 1 -0.14 13.29 1.15
H71 PDU C 1 6.18 16.82 -0.83
H72 PDU C 1 5.35 18.31 -0.28
H73 PDU C 1 4.84 17.50 -1.78
H6 PDU C 1 3.80 15.27 3.05
P PDU C 3 -0.69 6.71 9.79
OP2 PDU C 3 0.36 5.83 10.35
OP1 PDU C 3 -1.83 7.12 10.64
O5' PDU C 3 -1.30 6.06 8.45
C5' PDU C 3 -0.69 5.00 7.73
C4' PDU C 3 -1.58 4.64 6.57
O4' PDU C 3 -1.80 5.60 5.50
C3' PDU C 3 -1.21 3.33 5.92
O3' PDU C 3 -2.28 2.39 5.79
C2' PDU C 3 -0.85 3.80 4.58
C1' PDU C 3 -1.73 4.93 4.21
N1 PDU C 3 -0.95 5.52 3.10
C2 PDU C 3 -1.43 5.42 1.79
O2 PDU C 3 -2.50 4.89 1.50
N3 PDU C 3 -0.63 5.98 0.79
C4 PDU C 3 0.58 6.60 1.00
O4 PDU C 3 1.21 7.07 0.06
C5 PDU C 3 1.00 6.65 2.40
C5A PDU C 3 2.23 7.29 2.73
C5B PDU C 3 3.24 7.84 3.00
C5M PDU C 3 4.47 8.54 3.35
C6 PDU C 3 0.25 6.11 3.39
H5' PDU C 3 -0.64 4.12 8.38
H5'' PDU C 3 0.31 5.24 7.37
H4' PDU C 3 -2.55 4.46 6.99
H3' PDU C 3 -0.26 3.02 6.38
H2'' PDU C 3 -0.97 3.10 3.79
H2' PDU C 3 0.17 4.08 4.69
H1' PDU C 3 -2.76 4.68 3.88
H3 PDU C 3 -0.96 5.92 -0.18
H71 PDU C 3 4.21 9.42 3.95
H72 PDU C 3 4.98 8.86 2.44
H73 PDU C 3 5.11 7.88 3.93
H6 PDU C 3 0.56 6.09 4.45
N1 DCM C 4 -3.56 1.15 1.32
C2 DCM C 4 -3.68 1.16 -0.08
N3 DCM C 4 -2.53 1.46 -0.80
C4 DCM C 4 -1.33 1.76 -0.20
C5 DCM C 4 -1.25 1.71 1.22
C6 DCM C 4 -2.37 1.41 1.94
O2 DCM C 4 -4.74 0.90 -0.64
N4 DCM C 4 -0.28 2.10 -0.97
C1' DCM C 4 -4.77 0.93 2.19
C2' DCM C 4 -4.88 -0.36 3.02
C3' DCM C 4 -5.87 -0.29 4.10
C4' DCM C 4 -5.72 1.17 4.29
O4' DCM C 4 -4.84 1.79 3.33
O3' DCM C 4 -6.98 -0.94 3.38
C5' DCM C 4 -5.48 1.51 5.80
O5' DCM C 4 -4.25 0.88 6.26
P DCM C 4 -2.98 1.60 7.00
O1P DCM C 4 -2.06 0.53 7.44
O2P DCM C 4 -3.49 2.59 7.98
H5 DCM C 4 -0.26 1.94 1.61
H3 DCM C 4 -2.57 1.47 -1.82
H6 DCM C 4 -2.50 1.28 3.05
HN41 DCM C 4 -0.35 2.14 -2.00
HN42 DCM C 4 0.58 2.33 -0.46
H1' DCM C 4 -5.67 1.36 1.69
H2'1 DCM C 4 -4.04 -1.03 3.26
H2'2 DCM C 4 -5.83 -0.71 2.66
H3' DCM C 4 -5.59 -0.85 4.99
H4' DCM C 4 -6.66 1.21 3.75
H5'1 DCM C 4 -5.45 2.59 5.94
H5'2 DCM C 4 -6.28 1.15 6.45
P PDU C 5 -8.29 -0.42 2.59
OP2 PDU C 5 -9.45 -1.12 3.17
OP1 PDU C 5 -8.27 1.06 2.52
O5' PDU C 5 -8.06 -0.99 1.06
C5' PDU C 5 -6.95 -0.65 0.21
C4' PDU C 5 -6.68 -1.66 -0.93
O4' PDU C 5 -5.42 -1.42 -1.60
C3' PDU C 5 -6.61 -3.09 -0.42
O3' PDU C 5 -7.07 -3.96 -1.46
C2' PDU C 5 -5.14 -3.25 -0.19
C1' PDU C 5 -4.48 -2.50 -1.35
N1 PDU C 5 -3.10 -1.97 -1.11
C2 PDU C 5 -2.30 -1.74 -2.23
O2 PDU C 5 -2.67 -2.01 -3.37
N3 PDU C 5 -1.04 -1.22 -1.98
C4 PDU C 5 -0.52 -0.92 -0.74
O4 PDU C 5 0.61 -0.44 -0.62
C5 PDU C 5 -1.42 -1.19 0.36
C5A PDU C 5 -1.01 -0.94 1.69
C5B PDU C 5 -0.68 -0.72 2.83
C5M PDU C 5 -0.29 -0.46 4.21
C6 PDU C 5 -2.64 -1.69 0.14
H5' PDU C 5 -6.02 -0.61 0.77
H5'' PDU C 5 -7.10 0.34 -0.22
H4' PDU C 5 -7.48 -1.61 -1.66
H3' PDU C 5 -7.22 -3.25 0.46
H2'' PDU C 5 -4.80 -4.27 -0.12
H2' PDU C 5 -5.03 -2.73 0.76
H1' PDU C 5 -4.47 -3.18 -2.21
H3 PDU C 5 -0.43 -1.04 -2.76
H71 PDU C 5 -0.95 0.27 4.65
H72 PDU C 5 0.74 -0.10 4.23
H73 PDU C 5 -0.34 -1.39 4.77
H6 PDU C 5 -3.24 -1.86 1.03
P PDU C 7 -4.28 -6.80 -6.45
OP2 PDU C 7 -5.24 -7.43 -7.38
OP1 PDU C 7 -4.53 -5.44 -5.92
O5' PDU C 7 -2.82 -6.81 -7.11
C5' PDU C 7 -2.10 -8.05 -7.13
C4' PDU C 7 -0.62 -7.89 -7.47
O4' PDU C 7 0.05 -6.98 -6.55
C3' PDU C 7 0.03 -9.27 -7.30
O3' PDU C 7 1.02 -9.57 -8.30
C2' PDU C 7 0.60 -9.14 -5.91
C1' PDU C 7 1.07 -7.70 -5.83
N1 PDU C 7 1.23 -7.17 -4.44
C2 PDU C 7 2.34 -6.39 -4.19
O2 PDU C 7 3.17 -6.10 -5.06
N3 PDU C 7 2.47 -5.92 -2.89
C4 PDU C 7 1.62 -6.16 -1.85
O4 PDU C 7 1.86 -5.67 -0.74
C5 PDU C 7 0.51 -6.98 -2.18
C5A PDU C 7 -0.44 -7.29 -1.15
C5B PDU C 7 -1.21 -7.52 -0.27
C5M PDU C 7 -2.13 -7.81 0.82
C6 PDU C 7 0.35 -7.46 -3.43
H5' PDU C 7 -2.56 -8.72 -7.85
H5'' PDU C 7 -2.14 -8.50 -6.14
H4' PDU C 7 -0.52 -7.55 -8.49
H3' PDU C 7 -0.71 -10.05 -7.36
H2'' PDU C 7 1.41 -9.85 -5.71
H2' PDU C 7 -0.23 -9.36 -5.25
H1' PDU C 7 2.02 -7.63 -6.37
H3 PDU C 7 3.25 -5.33 -2.66
H71 PDU C 7 -3.12 -7.43 0.58
H72 PDU C 7 -1.76 -7.34 1.73
H73 PDU C 7 -2.18 -8.89 0.97
H6 PDU C 7 -0.51 -8.08 -3.65
P PDU C 8 1.56 -11.09 -8.36
OP2 PDU C 8 0.95 -11.83 -7.24
OP1 PDU C 8 1.39 -11.57 -9.76
O5' PDU C 8 3.12 -10.91 -8.07
C5' PDU C 8 3.88 -10.10 -8.97
C4' PDU C 8 5.16 -9.58 -8.34
O4' PDU C 8 4.84 -8.84 -7.13
C3' PDU C 8 6.09 -10.73 -7.94
O3' PDU C 8 7.41 -10.45 -8.42
C2' PDU C 8 6.08 -10.64 -6.43
C1' PDU C 8 5.82 -9.19 -6.15
N1 PDU C 8 5.35 -9.01 -4.76
C2 PDU C 8 6.22 -8.37 -3.90
O2 PDU C 8 7.32 -7.96 -4.26
N3 PDU C 8 5.76 -8.23 -2.60
C4 PDU C 8 4.55 -8.66 -2.10
O4 PDU C 8 4.24 -8.49 -0.93
C5 PDU C 8 3.71 -9.31 -3.09
C5A PDU C 8 2.43 -9.81 -2.66
C5B PDU C 8 1.35 -10.18 -2.30
C5M PDU C 8 0.05 -10.64 -1.80
C6 PDU C 8 4.13 -9.47 -4.35
H5' PDU C 8 3.25 -9.25 -9.25
H5'' PDU C 8 4.12 -10.68 -9.85
H4' PDU C 8 5.69 -8.93 -9.04
H3' PDU C 8 5.72 -11.69 -8.30
H2 PDU C 8 7.33 -10.31 -9.37
H2'' PDU C 8 6.99 -11.00 -5.95
H2' PDU C 8 5.23 -11.22 -6.09
H1' PDU C 8 6.73 -8.62 -6.33
H3 PDU C 8 6.38 -7.76 -1.95
H71 PDU C 8 -0.03 -11.72 -1.93
H72 PDU C 8 -0.74 -10.14 -2.36
H73 PDU C 8 -0.04 -10.39 -0.75
H6 PDU C 8 3.49 -9.97 -5.07
#